data_5INW
#
_entry.id   5INW
#
_cell.length_a   42.400
_cell.length_b   119.360
_cell.length_c   141.590
_cell.angle_alpha   90.00
_cell.angle_beta   90.00
_cell.angle_gamma   90.00
#
_symmetry.space_group_name_H-M   'P 21 21 21'
#
loop_
_entity.id
_entity.type
_entity.pdbx_description
1 polymer 'Putative angiotensinogen'
2 polymer 'C-terminal peptide of Putative angiotensinogen'
3 non-polymer 'SULFATE ION'
4 water water
#
loop_
_entity_poly.entity_id
_entity_poly.type
_entity_poly.pdbx_seq_one_letter_code
_entity_poly.pdbx_strand_id
1 'polypeptide(L)'
;GERPYMQPFHLIPPSLSVQATEQPLASNEAWDYPEPLAPGQSPAASSEEGSSEEKGDEREPHGDEGKRGRKDKKKSKTQR
IASAVNGLGFRLYKQVLGGAGPADNIFFSPLSIASALGVVTAGANGSTRAELDTALGFKEFLHGKKKAKSMKYFARLNGA
LYKRSAGFELMGKNVVFSKKGLWLYRQFTRTVAHLFKSNVRSVDFGDSKNAVELMNAYIEKVTSKKFPDVISDVDTDTSL
VIVNVIYFKGSWGNKFEPDLTKNVRFWVNSSYSMMVPTMHQRAKLSYTQDRKLRSTVVKLPYEGGASMLVIVPHRTEDLP
KVEESVSQEQLEEWLSLLGPSNHYVQLSLPKFKISVSYDLKAYLSAMGMSSMFSYGADLSRITGMQKLHVDKITHKSVLH
VNEEGTEAKAETVVGIMAAPR
;
A,B
2 'polypeptide(L)' SMPPTVTVDRPFVVLIYDEKTRAVIFMGRVADPKQ C,D
#
loop_
_chem_comp.id
_chem_comp.type
_chem_comp.name
_chem_comp.formula
SO4 non-polymer 'SULFATE ION' 'O4 S -2'
#
# COMPACT_ATOMS: atom_id res chain seq x y z
N LYS A 74 20.73 0.99 22.85
CA LYS A 74 21.75 0.97 23.94
C LYS A 74 22.09 2.35 24.52
N LYS A 75 22.44 2.35 25.81
CA LYS A 75 22.66 3.57 26.65
C LYS A 75 22.92 4.98 25.98
N SER A 76 23.78 5.09 24.97
CA SER A 76 24.23 6.42 24.47
C SER A 76 23.13 7.19 23.77
N LYS A 77 23.26 8.51 23.65
CA LYS A 77 22.19 9.35 23.05
C LYS A 77 22.09 9.03 21.54
N THR A 78 23.23 9.11 20.84
CA THR A 78 23.31 8.78 19.40
C THR A 78 22.85 7.35 19.08
N GLN A 79 23.17 6.42 19.97
CA GLN A 79 22.74 5.03 19.83
C GLN A 79 21.22 4.81 19.92
N ARG A 80 20.52 5.57 20.79
CA ARG A 80 19.06 5.52 20.89
C ARG A 80 18.36 5.99 19.63
N ILE A 81 18.80 7.10 19.08
CA ILE A 81 18.24 7.62 17.82
C ILE A 81 18.60 6.75 16.61
N ALA A 82 19.79 6.15 16.63
CA ALA A 82 20.19 5.20 15.61
C ALA A 82 19.26 3.97 15.58
N SER A 83 18.85 3.51 16.76
CA SER A 83 17.92 2.34 16.87
C SER A 83 16.49 2.69 16.54
N ALA A 84 16.10 3.95 16.75
CA ALA A 84 14.82 4.45 16.29
C ALA A 84 14.77 4.40 14.81
N VAL A 85 15.83 4.88 14.19
CA VAL A 85 15.95 4.95 12.74
C VAL A 85 16.02 3.55 12.20
N ASN A 86 16.79 2.70 12.86
CA ASN A 86 16.82 1.29 12.48
C ASN A 86 15.44 0.69 12.62
N GLY A 87 14.78 1.00 13.72
CA GLY A 87 13.42 0.56 13.97
C GLY A 87 12.49 0.89 12.82
N LEU A 88 12.50 2.16 12.40
CA LEU A 88 11.82 2.61 11.20
C LEU A 88 12.22 1.77 9.97
N GLY A 89 13.52 1.51 9.78
CA GLY A 89 14.02 0.77 8.66
C GLY A 89 13.44 -0.62 8.61
N PHE A 90 13.51 -1.31 9.75
CA PHE A 90 13.10 -2.71 9.83
C PHE A 90 11.56 -2.82 9.61
N ARG A 91 10.83 -1.97 10.29
CA ARG A 91 9.41 -1.87 10.03
C ARG A 91 9.14 -1.66 8.55
N LEU A 92 9.96 -0.86 7.88
CA LEU A 92 9.73 -0.64 6.49
C LEU A 92 10.07 -1.89 5.72
N TYR A 93 11.16 -2.54 6.11
CA TYR A 93 11.58 -3.77 5.44
C TYR A 93 10.43 -4.73 5.38
N LYS A 94 9.77 -4.87 6.51
CA LYS A 94 8.67 -5.79 6.66
C LYS A 94 7.50 -5.50 5.78
N GLN A 95 7.20 -4.23 5.53
CA GLN A 95 6.22 -3.85 4.53
C GLN A 95 6.68 -4.16 3.09
N VAL A 96 7.94 -3.86 2.75
CA VAL A 96 8.47 -4.21 1.41
C VAL A 96 8.26 -5.70 1.03
N LEU A 97 8.42 -6.60 2.01
CA LEU A 97 8.22 -8.07 1.85
C LEU A 97 6.83 -8.45 1.38
N GLY A 98 5.83 -7.65 1.74
CA GLY A 98 4.47 -7.84 1.26
C GLY A 98 4.30 -7.74 -0.25
N GLY A 99 5.26 -7.15 -0.94
CA GLY A 99 5.19 -6.99 -2.39
C GLY A 99 6.45 -7.40 -3.12
N ALA A 100 7.17 -8.38 -2.58
CA ALA A 100 8.43 -8.84 -3.15
C ALA A 100 8.47 -10.37 -3.36
N GLY A 101 8.37 -10.76 -4.65
CA GLY A 101 8.62 -12.13 -5.09
C GLY A 101 10.01 -12.55 -4.62
N PRO A 102 10.22 -13.86 -4.36
CA PRO A 102 11.49 -14.27 -3.72
C PRO A 102 12.69 -14.27 -4.67
N ALA A 103 12.52 -13.88 -5.94
CA ALA A 103 13.62 -13.49 -6.85
C ALA A 103 13.98 -11.99 -6.85
N ASP A 104 13.23 -11.16 -6.11
CA ASP A 104 13.44 -9.70 -6.06
C ASP A 104 14.58 -9.28 -5.12
N ASN A 105 15.30 -8.21 -5.54
CA ASN A 105 16.25 -7.46 -4.69
C ASN A 105 15.56 -6.34 -3.88
N ILE A 106 15.94 -6.26 -2.60
CA ILE A 106 15.45 -5.26 -1.69
C ILE A 106 16.65 -4.43 -1.23
N PHE A 107 16.53 -3.11 -1.33
CA PHE A 107 17.63 -2.20 -0.96
C PHE A 107 17.19 -0.77 -0.74
N PHE A 108 17.47 -0.26 0.44
CA PHE A 108 17.05 1.08 0.81
C PHE A 108 17.86 1.61 1.99
N SER A 109 17.94 2.93 2.16
CA SER A 109 18.61 3.55 3.31
C SER A 109 17.60 4.13 4.30
N PRO A 110 17.56 3.59 5.52
CA PRO A 110 16.69 4.21 6.54
C PRO A 110 17.02 5.62 6.88
N LEU A 111 18.30 5.99 6.91
CA LEU A 111 18.71 7.39 7.17
C LEU A 111 18.18 8.39 6.17
N SER A 112 18.26 8.02 4.89
CA SER A 112 17.80 8.90 3.83
C SER A 112 16.32 9.16 3.99
N ILE A 113 15.58 8.08 4.22
CA ILE A 113 14.17 8.22 4.35
C ILE A 113 13.79 8.97 5.63
N ALA A 114 14.50 8.71 6.73
CA ALA A 114 14.24 9.42 7.99
C ALA A 114 14.55 10.92 7.88
N SER A 115 15.60 11.25 7.12
CA SER A 115 15.94 12.63 6.92
C SER A 115 14.86 13.36 6.15
N ALA A 116 14.39 12.75 5.09
CA ALA A 116 13.38 13.40 4.29
C ALA A 116 12.11 13.59 5.13
N LEU A 117 11.73 12.59 5.91
CA LEU A 117 10.54 12.69 6.76
C LEU A 117 10.70 13.61 7.97
N GLY A 118 11.93 13.78 8.45
CA GLY A 118 12.23 14.77 9.47
C GLY A 118 11.90 16.15 8.97
N VAL A 119 12.22 16.43 7.71
CA VAL A 119 11.92 17.73 7.14
C VAL A 119 10.39 17.95 7.11
N VAL A 120 9.67 16.95 6.66
CA VAL A 120 8.21 17.00 6.62
C VAL A 120 7.66 17.16 8.04
N THR A 121 8.30 16.48 8.99
CA THR A 121 7.84 16.57 10.39
C THR A 121 7.95 17.99 10.92
N ALA A 122 9.04 18.64 10.57
CA ALA A 122 9.30 20.00 10.95
C ALA A 122 8.27 20.98 10.48
N GLY A 123 7.60 20.67 9.39
CA GLY A 123 6.45 21.46 8.94
C GLY A 123 5.06 20.92 9.28
N ALA A 124 4.98 19.83 10.03
CA ALA A 124 3.70 19.20 10.23
C ALA A 124 3.11 19.80 11.44
N ASN A 125 1.80 19.81 11.45
CA ASN A 125 1.07 19.99 12.69
C ASN A 125 -0.11 19.03 12.88
N GLY A 126 -0.61 18.94 14.12
CA GLY A 126 -1.80 18.15 14.44
C GLY A 126 -1.63 16.65 14.28
N SER A 127 -2.67 16.01 13.77
CA SER A 127 -2.66 14.56 13.52
C SER A 127 -1.41 14.15 12.68
N THR A 128 -1.09 14.95 11.65
CA THR A 128 0.03 14.68 10.77
C THR A 128 1.39 14.62 11.47
N ARG A 129 1.69 15.66 12.24
CA ARG A 129 2.84 15.74 13.14
C ARG A 129 2.81 14.50 14.04
N ALA A 130 1.70 14.22 14.72
CA ALA A 130 1.66 13.11 15.70
C ALA A 130 2.06 11.73 15.14
N GLU A 131 1.35 11.29 14.12
CA GLU A 131 1.67 10.06 13.39
C GLU A 131 3.15 9.97 13.03
N LEU A 132 3.65 11.09 12.50
CA LEU A 132 5.06 11.22 12.10
C LEU A 132 6.08 11.12 13.25
N ASP A 133 5.81 11.82 14.37
CA ASP A 133 6.59 11.68 15.61
C ASP A 133 6.58 10.24 16.10
N THR A 134 5.40 9.60 16.13
CA THR A 134 5.35 8.21 16.61
C THR A 134 6.20 7.30 15.66
N ALA A 135 6.07 7.45 14.35
CA ALA A 135 6.93 6.64 13.52
C ALA A 135 8.44 6.89 13.75
N LEU A 136 8.88 8.12 13.88
CA LEU A 136 10.32 8.42 14.01
C LEU A 136 10.95 8.28 15.43
N GLY A 137 10.14 8.05 16.47
CA GLY A 137 10.68 7.87 17.83
C GLY A 137 11.48 9.02 18.45
N PHE A 138 12.28 8.64 19.45
CA PHE A 138 12.87 9.59 20.40
C PHE A 138 14.41 9.66 20.30
N LYS A 149 13.14 18.32 21.32
CA LYS A 149 14.52 17.82 21.24
C LYS A 149 14.70 16.33 20.75
N SER A 150 13.65 15.68 20.22
CA SER A 150 13.82 14.39 19.54
C SER A 150 14.78 14.61 18.37
N MET A 151 14.37 15.46 17.43
CA MET A 151 15.17 15.73 16.21
C MET A 151 16.55 16.40 16.42
N LYS A 152 16.82 16.97 17.61
CA LYS A 152 18.13 17.60 17.85
C LYS A 152 19.26 16.57 17.82
N TYR A 153 19.05 15.37 18.38
CA TYR A 153 20.08 14.32 18.45
C TYR A 153 20.15 13.52 17.13
N PHE A 154 19.16 13.68 16.25
CA PHE A 154 19.24 13.21 14.86
C PHE A 154 20.35 13.93 14.03
N ALA A 155 20.49 15.25 14.17
CA ALA A 155 21.56 15.99 13.53
C ALA A 155 22.91 15.62 14.14
N ARG A 156 22.95 15.29 15.44
CA ARG A 156 24.22 14.86 16.04
C ARG A 156 24.70 13.54 15.47
N LEU A 157 23.78 12.57 15.37
CA LEU A 157 24.04 11.29 14.70
C LEU A 157 24.61 11.51 13.30
N ASN A 158 23.92 12.27 12.45
CA ASN A 158 24.42 12.51 11.10
C ASN A 158 25.79 13.19 11.09
N GLY A 159 26.02 14.13 11.99
CA GLY A 159 27.35 14.66 12.16
C GLY A 159 28.39 13.59 12.50
N ALA A 160 28.03 12.67 13.39
CA ALA A 160 28.94 11.56 13.80
C ALA A 160 29.22 10.58 12.65
N LEU A 161 28.21 10.29 11.84
CA LEU A 161 28.35 9.30 10.76
C LEU A 161 29.07 9.81 9.50
N TYR A 162 28.71 11.01 9.05
CA TYR A 162 29.24 11.55 7.81
C TYR A 162 30.66 12.04 8.00
N LYS A 163 31.61 11.33 7.39
CA LYS A 163 33.05 11.50 7.64
C LYS A 163 33.76 11.02 6.40
N ARG A 164 34.97 11.49 6.18
CA ARG A 164 35.82 11.06 5.07
C ARG A 164 37.18 10.78 5.67
N SER A 165 37.76 9.64 5.34
CA SER A 165 39.09 9.23 5.84
C SER A 165 39.59 8.16 4.86
N ALA A 166 40.78 7.62 5.07
CA ALA A 166 41.41 6.67 4.11
C ALA A 166 40.51 5.47 3.88
N GLY A 167 40.15 5.22 2.61
CA GLY A 167 39.28 4.14 2.21
C GLY A 167 37.87 4.18 2.75
N PHE A 168 37.36 5.37 3.13
CA PHE A 168 35.95 5.46 3.65
C PHE A 168 35.32 6.81 3.32
N GLU A 169 34.08 6.83 2.86
CA GLU A 169 33.34 8.08 2.68
C GLU A 169 31.90 7.80 2.94
N LEU A 170 31.33 8.57 3.85
CA LEU A 170 29.88 8.64 4.02
C LEU A 170 29.46 10.09 4.02
N MET A 171 28.57 10.47 3.12
CA MET A 171 28.22 11.86 2.87
C MET A 171 26.70 11.86 2.73
N GLY A 172 26.06 12.88 3.29
CA GLY A 172 24.63 13.05 3.27
C GLY A 172 24.26 14.51 3.08
N LYS A 173 23.26 14.77 2.24
CA LYS A 173 22.88 16.12 1.90
C LYS A 173 21.37 16.16 1.84
N ASN A 174 20.77 17.07 2.59
CA ASN A 174 19.40 17.48 2.36
C ASN A 174 19.29 18.76 1.54
N VAL A 175 18.29 18.80 0.68
CA VAL A 175 18.01 19.99 -0.14
C VAL A 175 16.53 20.17 -0.19
N VAL A 176 16.08 21.42 -0.04
CA VAL A 176 14.68 21.74 -0.06
C VAL A 176 14.41 22.83 -1.07
N PHE A 177 13.61 22.47 -2.06
CA PHE A 177 13.16 23.45 -3.05
C PHE A 177 11.76 23.94 -2.70
N SER A 178 11.50 25.20 -2.96
CA SER A 178 10.20 25.81 -2.65
C SER A 178 9.66 26.63 -3.83
N LYS A 179 8.32 26.64 -3.97
CA LYS A 179 7.64 27.51 -5.00
C LYS A 179 8.03 28.98 -4.86
N LYS A 180 8.30 29.59 -5.99
CA LYS A 180 8.91 30.93 -6.01
C LYS A 180 8.03 31.98 -5.36
N GLY A 181 6.75 31.95 -5.63
CA GLY A 181 5.87 32.89 -4.92
C GLY A 181 5.61 32.65 -3.41
N LEU A 182 5.97 31.49 -2.89
CA LEU A 182 5.34 30.94 -1.71
C LEU A 182 6.08 31.35 -0.44
N TRP A 183 5.36 32.07 0.43
CA TRP A 183 5.85 32.55 1.70
C TRP A 183 5.98 31.36 2.68
N LEU A 184 7.14 31.28 3.33
CA LEU A 184 7.43 30.26 4.31
C LEU A 184 7.62 30.88 5.67
N TYR A 185 7.16 30.19 6.69
CA TYR A 185 7.42 30.63 8.04
C TYR A 185 8.88 30.47 8.35
N ARG A 186 9.43 31.43 9.09
CA ARG A 186 10.85 31.42 9.41
C ARG A 186 11.28 30.33 10.42
N GLN A 187 10.35 29.90 11.26
CA GLN A 187 10.69 28.91 12.26
C GLN A 187 10.93 27.59 11.52
N PHE A 188 10.17 27.43 10.45
CA PHE A 188 10.39 26.30 9.55
C PHE A 188 11.74 26.35 8.83
N THR A 189 12.09 27.49 8.24
CA THR A 189 13.32 27.57 7.43
C THR A 189 14.59 27.47 8.20
N ARG A 190 14.55 28.02 9.40
CA ARG A 190 15.65 27.95 10.31
C ARG A 190 15.81 26.61 10.97
N THR A 191 14.73 25.91 11.36
CA THR A 191 14.94 24.55 11.91
C THR A 191 15.43 23.62 10.79
N VAL A 192 15.03 23.84 9.54
CA VAL A 192 15.63 23.00 8.48
C VAL A 192 17.07 23.34 8.14
N ALA A 193 17.46 24.58 8.31
CA ALA A 193 18.86 24.93 8.14
C ALA A 193 19.69 24.39 9.32
N HIS A 194 19.17 24.47 10.55
CA HIS A 194 19.92 24.03 11.74
C HIS A 194 19.98 22.49 11.89
N LEU A 195 18.87 21.81 11.90
CA LEU A 195 18.87 20.33 12.02
C LEU A 195 19.19 19.53 10.74
N PHE A 196 18.90 20.06 9.55
CA PHE A 196 19.10 19.33 8.28
C PHE A 196 20.18 19.93 7.34
N LYS A 197 20.76 21.07 7.69
CA LYS A 197 21.81 21.74 6.94
C LYS A 197 21.41 22.13 5.57
N SER A 198 20.16 22.47 5.37
CA SER A 198 19.67 22.89 4.06
C SER A 198 19.18 24.31 4.15
N ASN A 199 19.67 25.14 3.26
CA ASN A 199 18.99 26.37 2.91
C ASN A 199 18.01 26.10 1.83
N VAL A 200 16.94 26.88 1.82
CA VAL A 200 15.79 26.62 0.97
C VAL A 200 16.02 27.36 -0.28
N ARG A 201 16.01 26.66 -1.41
CA ARG A 201 16.19 27.32 -2.71
C ARG A 201 14.82 27.44 -3.34
N SER A 202 14.50 28.61 -3.88
CA SER A 202 13.22 28.79 -4.57
C SER A 202 13.31 28.47 -6.09
N VAL A 203 12.17 28.09 -6.66
CA VAL A 203 12.12 27.57 -8.02
C VAL A 203 10.81 27.88 -8.65
N ASP A 204 10.84 28.16 -9.95
CA ASP A 204 9.66 28.37 -10.76
C ASP A 204 9.28 27.00 -11.30
N PHE A 205 8.43 26.28 -10.57
CA PHE A 205 7.98 24.96 -11.01
C PHE A 205 7.01 25.06 -12.17
N GLY A 206 6.43 26.25 -12.40
CA GLY A 206 5.55 26.50 -13.55
C GLY A 206 6.25 26.22 -14.88
N ASP A 207 7.45 26.76 -15.05
CA ASP A 207 8.32 26.42 -16.14
C ASP A 207 9.06 25.16 -15.79
N SER A 208 8.39 24.02 -15.92
CA SER A 208 8.87 22.75 -15.34
C SER A 208 10.04 22.02 -16.04
N LYS A 209 10.21 22.18 -17.36
CA LYS A 209 11.33 21.57 -18.07
C LYS A 209 12.58 22.12 -17.45
N ASN A 210 12.64 23.45 -17.35
CA ASN A 210 13.77 24.12 -16.75
C ASN A 210 13.88 23.88 -15.28
N ALA A 211 12.74 23.83 -14.61
CA ALA A 211 12.72 23.50 -13.17
C ALA A 211 13.47 22.16 -12.82
N VAL A 212 13.25 21.10 -13.60
CA VAL A 212 13.95 19.85 -13.43
C VAL A 212 15.45 20.01 -13.69
N GLU A 213 15.83 20.72 -14.73
CA GLU A 213 17.26 20.92 -15.04
C GLU A 213 17.95 21.72 -13.96
N LEU A 214 17.23 22.71 -13.41
CA LEU A 214 17.78 23.59 -12.39
C LEU A 214 17.94 22.83 -11.11
N MET A 215 16.90 22.12 -10.70
CA MET A 215 16.99 21.36 -9.47
C MET A 215 18.14 20.33 -9.52
N ASN A 216 18.20 19.56 -10.61
CA ASN A 216 19.24 18.55 -10.79
C ASN A 216 20.60 19.14 -10.84
N ALA A 217 20.75 20.26 -11.52
CA ALA A 217 22.04 20.96 -11.58
C ALA A 217 22.49 21.40 -10.18
N TYR A 218 21.56 21.91 -9.35
CA TYR A 218 21.90 22.26 -7.97
C TYR A 218 22.34 21.07 -7.17
N ILE A 219 21.61 19.95 -7.33
CA ILE A 219 21.92 18.75 -6.56
C ILE A 219 23.31 18.25 -6.93
N GLU A 220 23.57 18.23 -8.24
CA GLU A 220 24.84 17.77 -8.75
C GLU A 220 26.00 18.65 -8.29
N LYS A 221 25.83 19.96 -8.33
CA LYS A 221 26.83 20.90 -7.84
C LYS A 221 27.25 20.57 -6.43
N VAL A 222 26.27 20.34 -5.59
CA VAL A 222 26.53 20.10 -4.17
C VAL A 222 26.95 18.62 -3.79
N THR A 223 27.15 17.72 -4.73
CA THR A 223 27.40 16.31 -4.41
C THR A 223 28.48 15.73 -5.36
N SER A 224 29.42 16.60 -5.75
CA SER A 224 30.40 16.41 -6.86
C SER A 224 29.98 15.36 -7.87
N LYS A 225 28.91 15.65 -8.62
CA LYS A 225 28.48 14.83 -9.76
C LYS A 225 28.18 13.35 -9.47
N LYS A 226 27.97 12.99 -8.20
CA LYS A 226 27.54 11.63 -7.89
C LYS A 226 26.05 11.47 -8.12
N PHE A 227 25.32 12.57 -7.95
CA PHE A 227 23.90 12.58 -8.09
C PHE A 227 23.45 13.59 -9.15
N PRO A 228 23.41 13.17 -10.42
CA PRO A 228 22.70 13.95 -11.45
C PRO A 228 21.30 13.37 -11.48
N ASP A 229 20.41 13.94 -12.29
CA ASP A 229 19.05 13.33 -12.53
C ASP A 229 18.23 12.73 -11.33
N VAL A 230 18.42 13.23 -10.12
CA VAL A 230 17.66 12.80 -8.98
C VAL A 230 16.18 13.13 -9.20
N ILE A 231 15.88 14.21 -9.92
CA ILE A 231 14.50 14.55 -10.23
C ILE A 231 14.23 14.33 -11.72
N SER A 232 13.11 13.66 -12.00
CA SER A 232 12.64 13.38 -13.38
C SER A 232 11.54 14.33 -13.85
N ASP A 233 10.63 14.70 -12.94
CA ASP A 233 9.39 15.37 -13.30
C ASP A 233 8.97 16.25 -12.13
N VAL A 234 8.25 17.32 -12.41
CA VAL A 234 7.70 18.20 -11.39
C VAL A 234 6.43 18.87 -11.90
N ASP A 235 5.36 18.73 -11.12
CA ASP A 235 4.07 19.40 -11.39
C ASP A 235 4.20 20.93 -11.28
N THR A 236 3.41 21.66 -12.06
CA THR A 236 3.23 23.13 -11.93
C THR A 236 2.75 23.52 -10.53
N ASP A 237 1.72 22.80 -10.07
CA ASP A 237 1.11 23.01 -8.74
C ASP A 237 1.90 22.40 -7.60
N THR A 238 3.11 21.94 -7.89
CA THR A 238 4.07 21.64 -6.88
C THR A 238 4.47 22.89 -6.17
N SER A 239 4.49 22.72 -4.87
CA SER A 239 4.77 23.78 -3.95
C SER A 239 6.08 23.60 -3.19
N LEU A 240 6.46 22.37 -2.85
CA LEU A 240 7.84 22.07 -2.42
C LEU A 240 8.27 20.70 -2.85
N VAL A 241 9.60 20.52 -2.90
CA VAL A 241 10.24 19.23 -3.11
C VAL A 241 11.37 19.11 -2.12
N ILE A 242 11.39 18.04 -1.32
CA ILE A 242 12.42 17.79 -0.31
C ILE A 242 13.24 16.64 -0.82
N VAL A 243 14.55 16.72 -0.64
CA VAL A 243 15.48 15.72 -1.19
C VAL A 243 16.50 15.35 -0.13
N ASN A 244 16.65 14.08 0.11
CA ASN A 244 17.86 13.58 0.77
C ASN A 244 18.57 12.69 -0.23
N VAL A 245 19.87 12.85 -0.25
CA VAL A 245 20.76 11.86 -0.82
C VAL A 245 21.80 11.45 0.21
N ILE A 246 22.31 10.24 0.02
CA ILE A 246 23.32 9.66 0.86
C ILE A 246 24.17 8.76 0.02
N TYR A 247 25.48 8.91 0.18
CA TYR A 247 26.48 8.22 -0.60
C TYR A 247 27.48 7.61 0.35
N PHE A 248 27.75 6.32 0.17
CA PHE A 248 28.75 5.57 0.93
C PHE A 248 29.75 4.90 0.00
N LYS A 249 31.05 5.04 0.28
CA LYS A 249 32.05 4.24 -0.43
C LYS A 249 33.12 3.77 0.52
N GLY A 250 33.09 2.46 0.78
CA GLY A 250 33.99 1.83 1.71
C GLY A 250 34.87 0.79 1.07
N SER A 251 36.15 0.89 1.34
CA SER A 251 37.14 -0.15 0.96
C SER A 251 37.06 -1.28 1.95
N TRP A 252 37.11 -2.52 1.47
CA TRP A 252 37.16 -3.67 2.39
C TRP A 252 38.43 -3.54 3.25
N GLY A 253 38.34 -3.99 4.48
CA GLY A 253 39.52 -4.13 5.28
C GLY A 253 40.41 -5.21 4.72
N ASN A 254 39.80 -6.24 4.13
CA ASN A 254 40.51 -7.30 3.46
C ASN A 254 40.02 -7.28 2.05
N LYS A 255 40.80 -6.65 1.19
CA LYS A 255 40.44 -6.56 -0.22
C LYS A 255 40.60 -7.91 -0.93
N PHE A 256 39.70 -8.20 -1.87
CA PHE A 256 39.71 -9.46 -2.61
C PHE A 256 40.71 -9.34 -3.71
N GLU A 257 41.26 -10.47 -4.12
CA GLU A 257 42.14 -10.51 -5.27
C GLU A 257 41.29 -10.73 -6.54
N PRO A 258 41.44 -9.84 -7.56
CA PRO A 258 40.81 -10.06 -8.87
C PRO A 258 41.16 -11.38 -9.55
N ASP A 259 42.43 -11.77 -9.48
CA ASP A 259 42.85 -13.10 -9.94
C ASP A 259 41.98 -14.26 -9.42
N LEU A 260 41.44 -14.16 -8.21
CA LEU A 260 40.53 -15.18 -7.65
C LEU A 260 39.08 -14.76 -7.83
N THR A 261 38.65 -14.58 -9.07
CA THR A 261 37.27 -14.21 -9.35
C THR A 261 36.85 -14.99 -10.62
N LYS A 262 36.02 -16.02 -10.44
CA LYS A 262 35.55 -16.89 -11.52
C LYS A 262 34.00 -16.94 -11.42
N ASN A 263 33.34 -17.28 -12.53
CA ASN A 263 31.89 -17.43 -12.53
C ASN A 263 31.51 -18.65 -11.70
N VAL A 264 30.39 -18.61 -11.02
CA VAL A 264 29.93 -19.72 -10.17
C VAL A 264 28.40 -19.69 -10.21
N ARG A 265 27.78 -20.87 -10.14
CA ARG A 265 26.33 -20.93 -10.07
C ARG A 265 25.91 -20.31 -8.78
N PHE A 266 25.11 -19.27 -8.91
CA PHE A 266 24.38 -18.68 -7.79
C PHE A 266 22.97 -19.25 -7.89
N TRP A 267 22.51 -19.86 -6.80
CA TRP A 267 21.19 -20.46 -6.73
C TRP A 267 20.16 -19.49 -6.11
N VAL A 268 19.38 -18.83 -6.99
CA VAL A 268 18.20 -18.02 -6.60
C VAL A 268 17.15 -18.84 -5.82
N ASN A 269 17.25 -20.17 -5.93
CA ASN A 269 16.11 -21.04 -5.94
C ASN A 269 16.56 -22.48 -5.66
N SER A 270 15.63 -23.42 -5.65
CA SER A 270 16.01 -24.83 -5.83
C SER A 270 16.31 -25.11 -7.32
N SER A 271 15.64 -24.43 -8.28
CA SER A 271 15.80 -24.70 -9.75
C SER A 271 16.56 -23.66 -10.63
N TYR A 272 16.21 -22.39 -10.47
CA TYR A 272 16.78 -21.27 -11.26
C TYR A 272 18.16 -20.75 -10.80
N SER A 273 19.21 -21.17 -11.51
CA SER A 273 20.60 -20.72 -11.29
C SER A 273 21.08 -19.74 -12.36
N MET A 274 22.26 -19.18 -12.14
CA MET A 274 22.91 -18.29 -13.11
C MET A 274 24.41 -18.11 -12.83
N MET A 275 25.18 -17.74 -13.87
CA MET A 275 26.64 -17.58 -13.74
C MET A 275 27.01 -16.18 -13.27
N VAL A 276 27.46 -16.09 -12.01
CA VAL A 276 27.75 -14.80 -11.38
C VAL A 276 29.24 -14.69 -11.06
N PRO A 277 29.91 -13.64 -11.57
CA PRO A 277 31.32 -13.50 -11.25
C PRO A 277 31.44 -13.42 -9.76
N THR A 278 32.11 -14.40 -9.17
CA THR A 278 32.09 -14.63 -7.73
C THR A 278 33.51 -14.45 -7.25
N MET A 279 33.68 -13.72 -6.16
CA MET A 279 35.00 -13.36 -5.65
C MET A 279 35.39 -14.31 -4.56
N HIS A 280 36.69 -14.33 -4.24
CA HIS A 280 37.27 -15.36 -3.38
C HIS A 280 38.43 -14.85 -2.56
N GLN A 281 38.42 -15.21 -1.27
CA GLN A 281 39.47 -14.81 -0.34
C GLN A 281 39.52 -15.70 0.89
N ARG A 282 40.74 -15.80 1.41
CA ARG A 282 40.99 -16.46 2.65
C ARG A 282 41.38 -15.33 3.59
N ALA A 283 40.46 -14.90 4.45
CA ALA A 283 40.81 -13.93 5.51
C ALA A 283 40.18 -14.25 6.87
N LYS A 284 40.62 -13.52 7.88
CA LYS A 284 40.13 -13.64 9.27
C LYS A 284 38.84 -12.83 9.49
N LEU A 285 37.69 -13.49 9.35
CA LEU A 285 36.40 -12.83 9.42
C LEU A 285 35.60 -13.42 10.53
N SER A 286 34.84 -12.60 11.22
CA SER A 286 33.88 -13.10 12.20
C SER A 286 32.69 -13.70 11.50
N TYR A 287 32.31 -14.90 11.92
CA TYR A 287 31.13 -15.59 11.39
C TYR A 287 30.50 -16.38 12.51
N THR A 288 29.28 -16.86 12.29
CA THR A 288 28.65 -17.83 13.19
C THR A 288 27.49 -18.45 12.47
N GLN A 289 27.19 -19.69 12.85
CA GLN A 289 25.93 -20.29 12.44
C GLN A 289 24.81 -19.80 13.37
N ASP A 290 23.74 -19.20 12.81
CA ASP A 290 22.54 -18.98 13.58
C ASP A 290 21.74 -20.29 13.53
N ARG A 291 21.74 -21.04 14.64
CA ARG A 291 21.01 -22.30 14.72
C ARG A 291 19.50 -22.03 14.73
N LYS A 292 19.08 -21.02 15.49
CA LYS A 292 17.66 -20.67 15.56
C LYS A 292 17.06 -20.31 14.18
N LEU A 293 17.84 -19.63 13.31
CA LEU A 293 17.36 -19.16 11.97
C LEU A 293 17.91 -19.95 10.76
N ARG A 294 18.64 -21.05 11.02
CA ARG A 294 19.12 -21.98 9.99
C ARG A 294 19.86 -21.30 8.85
N SER A 295 20.77 -20.40 9.25
CA SER A 295 21.43 -19.50 8.33
C SER A 295 22.79 -19.06 8.87
N THR A 296 23.67 -18.79 7.93
CA THR A 296 25.04 -18.37 8.20
C THR A 296 25.11 -16.83 8.27
N VAL A 297 25.76 -16.30 9.31
CA VAL A 297 26.01 -14.85 9.46
C VAL A 297 27.50 -14.55 9.36
N VAL A 298 27.87 -13.47 8.66
CA VAL A 298 29.27 -13.07 8.51
C VAL A 298 29.41 -11.56 8.46
N LYS A 299 30.48 -11.08 9.06
CA LYS A 299 30.79 -9.66 9.17
C LYS A 299 31.94 -9.35 8.26
N LEU A 300 31.70 -8.49 7.28
CA LEU A 300 32.74 -8.04 6.35
C LEU A 300 33.13 -6.62 6.67
N PRO A 301 34.21 -6.44 7.40
CA PRO A 301 34.60 -5.09 7.73
C PRO A 301 34.97 -4.22 6.51
N TYR A 302 34.62 -2.95 6.61
CA TYR A 302 35.25 -1.90 5.83
C TYR A 302 36.27 -1.15 6.67
N GLU A 303 37.15 -0.41 6.01
CA GLU A 303 37.81 0.75 6.61
C GLU A 303 36.72 1.76 7.06
N GLY A 304 37.09 2.76 7.87
CA GLY A 304 36.08 3.52 8.66
C GLY A 304 35.71 2.65 9.86
N GLY A 305 34.58 2.87 10.47
CA GLY A 305 34.18 1.96 11.56
C GLY A 305 32.99 1.16 11.16
N ALA A 306 32.94 0.77 9.91
CA ALA A 306 31.73 0.27 9.27
C ALA A 306 31.98 -1.14 8.74
N SER A 307 30.91 -1.91 8.62
CA SER A 307 31.00 -3.23 8.02
C SER A 307 29.67 -3.66 7.43
N MET A 308 29.73 -4.66 6.54
CA MET A 308 28.56 -5.28 6.00
C MET A 308 28.36 -6.61 6.70
N LEU A 309 27.17 -6.77 7.25
CA LEU A 309 26.69 -8.04 7.74
C LEU A 309 26.03 -8.76 6.61
N VAL A 310 26.41 -10.03 6.37
CA VAL A 310 25.74 -10.87 5.34
C VAL A 310 25.12 -12.10 6.00
N ILE A 311 23.82 -12.25 5.81
CA ILE A 311 23.06 -13.37 6.38
C ILE A 311 22.51 -14.24 5.25
N VAL A 312 23.01 -15.50 5.17
CA VAL A 312 22.62 -16.48 4.14
C VAL A 312 21.78 -17.60 4.75
N PRO A 313 20.48 -17.67 4.43
CA PRO A 313 19.82 -18.91 4.81
C PRO A 313 20.42 -20.10 4.07
N HIS A 314 20.51 -21.24 4.78
CA HIS A 314 20.98 -22.51 4.22
C HIS A 314 20.06 -23.03 3.15
N ARG A 315 18.77 -23.07 3.45
CA ARG A 315 17.73 -23.34 2.46
C ARG A 315 17.06 -22.01 2.14
N THR A 316 16.98 -21.65 0.87
CA THR A 316 16.39 -20.36 0.46
C THR A 316 14.88 -20.25 0.74
N GLU A 317 14.29 -21.36 1.21
CA GLU A 317 12.95 -21.39 1.84
C GLU A 317 12.90 -20.93 3.31
N ASP A 318 14.03 -20.93 4.03
CA ASP A 318 14.17 -20.24 5.35
C ASP A 318 14.17 -18.68 5.29
N LEU A 319 14.25 -18.10 4.09
CA LEU A 319 14.40 -16.66 3.94
C LEU A 319 13.26 -15.80 4.53
N PRO A 320 11.99 -16.27 4.51
CA PRO A 320 10.99 -15.45 5.17
C PRO A 320 11.08 -15.37 6.71
N LYS A 321 11.59 -16.40 7.36
CA LYS A 321 11.68 -16.42 8.81
C LYS A 321 12.89 -15.64 9.25
N VAL A 322 13.90 -15.55 8.38
CA VAL A 322 15.05 -14.66 8.59
C VAL A 322 14.56 -13.21 8.45
N GLU A 323 13.96 -12.91 7.30
CA GLU A 323 13.44 -11.57 7.02
C GLU A 323 12.32 -11.12 7.93
N GLU A 324 11.55 -12.07 8.51
CA GLU A 324 10.59 -11.77 9.58
C GLU A 324 11.21 -11.31 10.89
N SER A 325 12.35 -11.88 11.27
CA SER A 325 12.95 -11.58 12.58
C SER A 325 13.72 -10.25 12.65
N VAL A 326 14.01 -9.63 11.48
CA VAL A 326 14.85 -8.44 11.48
C VAL A 326 14.27 -7.36 12.39
N SER A 327 15.10 -6.87 13.27
CA SER A 327 14.72 -5.92 14.25
C SER A 327 16.02 -5.44 14.85
N GLN A 328 15.88 -4.38 15.63
CA GLN A 328 16.97 -3.89 16.39
C GLN A 328 17.49 -5.00 17.34
N GLU A 329 16.57 -5.71 18.00
CA GLU A 329 16.99 -6.71 18.97
C GLU A 329 17.72 -7.88 18.27
N GLN A 330 17.18 -8.30 17.12
CA GLN A 330 17.82 -9.30 16.29
C GLN A 330 19.23 -8.87 15.84
N LEU A 331 19.35 -7.60 15.44
CA LEU A 331 20.65 -7.07 15.07
C LEU A 331 21.62 -7.20 16.23
N GLU A 332 21.21 -6.79 17.42
CA GLU A 332 22.10 -6.92 18.58
C GLU A 332 22.45 -8.36 18.85
N GLU A 333 21.45 -9.24 18.67
CA GLU A 333 21.62 -10.70 18.74
C GLU A 333 22.75 -11.16 17.83
N TRP A 334 22.58 -10.97 16.53
CA TRP A 334 23.59 -11.35 15.53
C TRP A 334 24.99 -10.81 15.79
N LEU A 335 25.08 -9.61 16.38
CA LEU A 335 26.37 -8.97 16.72
C LEU A 335 27.03 -9.53 17.97
N SER A 336 26.22 -9.91 18.95
CA SER A 336 26.68 -10.66 20.10
C SER A 336 27.13 -12.08 19.72
N LEU A 337 26.38 -12.78 18.85
CA LEU A 337 26.75 -14.18 18.45
C LEU A 337 28.06 -14.21 17.66
N LEU A 338 28.37 -13.11 16.99
CA LEU A 338 29.69 -12.91 16.35
C LEU A 338 30.81 -12.71 17.37
N GLY A 339 31.78 -13.62 17.37
CA GLY A 339 33.01 -13.45 18.14
C GLY A 339 34.03 -12.70 17.31
N PRO A 340 35.30 -12.68 17.78
CA PRO A 340 36.39 -12.30 16.88
C PRO A 340 36.53 -13.37 15.81
N SER A 341 36.45 -14.64 16.25
CA SER A 341 36.44 -15.80 15.37
C SER A 341 37.57 -15.75 14.33
N ASN A 342 38.72 -15.20 14.76
CA ASN A 342 39.83 -14.87 13.85
C ASN A 342 40.85 -15.99 13.78
N HIS A 343 40.32 -17.10 13.27
CA HIS A 343 41.02 -18.01 12.41
C HIS A 343 40.53 -17.65 11.01
N TYR A 344 41.37 -17.90 10.01
CA TYR A 344 41.04 -17.66 8.62
C TYR A 344 39.78 -18.40 8.15
N VAL A 345 39.02 -17.75 7.28
CA VAL A 345 37.79 -18.28 6.72
C VAL A 345 37.85 -18.30 5.19
N GLN A 346 37.15 -19.26 4.59
CA GLN A 346 37.05 -19.37 3.13
C GLN A 346 35.79 -18.69 2.64
N LEU A 347 35.92 -17.51 2.05
CA LEU A 347 34.75 -16.74 1.66
C LEU A 347 34.58 -16.74 0.17
N SER A 348 33.32 -16.89 -0.26
CA SER A 348 32.92 -16.78 -1.66
C SER A 348 31.74 -15.77 -1.72
N LEU A 349 31.89 -14.68 -2.49
CA LEU A 349 30.92 -13.58 -2.54
C LEU A 349 30.73 -13.02 -3.93
N PRO A 350 29.47 -12.93 -4.43
CA PRO A 350 29.19 -12.31 -5.73
C PRO A 350 29.67 -10.86 -5.87
N LYS A 351 30.02 -10.51 -7.11
CA LYS A 351 30.39 -9.15 -7.55
C LYS A 351 29.22 -8.73 -8.45
N PHE A 352 28.62 -7.58 -8.17
CA PHE A 352 27.37 -7.21 -8.79
C PHE A 352 27.07 -5.76 -8.55
N LYS A 353 26.23 -5.21 -9.43
CA LYS A 353 25.62 -3.88 -9.24
C LYS A 353 24.11 -4.08 -9.42
N ILE A 354 23.36 -3.84 -8.35
CA ILE A 354 21.90 -3.86 -8.42
C ILE A 354 21.30 -2.51 -8.02
N SER A 355 20.17 -2.13 -8.60
CA SER A 355 19.46 -0.91 -8.19
C SER A 355 17.99 -1.15 -8.09
N VAL A 356 17.34 -0.49 -7.14
CA VAL A 356 15.93 -0.76 -6.76
C VAL A 356 15.21 0.57 -6.66
N SER A 357 13.94 0.63 -7.03
CA SER A 357 13.14 1.86 -6.85
C SER A 357 11.92 1.56 -6.06
N TYR A 358 11.43 2.53 -5.31
CA TYR A 358 10.18 2.38 -4.60
C TYR A 358 9.34 3.62 -4.70
N ASP A 359 8.04 3.41 -4.59
CA ASP A 359 7.07 4.45 -4.26
C ASP A 359 6.62 4.01 -2.85
N LEU A 360 6.81 4.86 -1.85
CA LEU A 360 6.71 4.40 -0.48
C LEU A 360 5.35 4.71 0.16
N LYS A 361 4.43 5.29 -0.61
CA LYS A 361 3.19 5.84 -0.07
C LYS A 361 2.40 4.79 0.73
N ALA A 362 2.23 3.63 0.15
CA ALA A 362 1.51 2.56 0.79
C ALA A 362 2.28 1.95 1.93
N TYR A 363 3.60 1.88 1.86
CA TYR A 363 4.32 1.24 2.95
C TYR A 363 4.26 2.13 4.20
N LEU A 364 4.50 3.42 4.00
CA LEU A 364 4.51 4.37 5.10
C LEU A 364 3.08 4.53 5.63
N SER A 365 2.09 4.49 4.73
CA SER A 365 0.71 4.44 5.16
C SER A 365 0.44 3.29 6.12
N ALA A 366 0.85 2.07 5.77
CA ALA A 366 0.68 0.94 6.70
C ALA A 366 1.40 1.16 8.04
N MET A 367 2.57 1.79 8.00
CA MET A 367 3.34 2.04 9.22
C MET A 367 2.76 3.14 10.09
N GLY A 368 1.70 3.80 9.64
CA GLY A 368 0.93 4.74 10.45
C GLY A 368 0.95 6.22 10.05
N MET A 369 1.56 6.55 8.90
CA MET A 369 1.82 7.91 8.47
C MET A 369 0.95 8.24 7.29
N SER A 370 -0.22 7.66 7.28
CA SER A 370 -1.17 7.85 6.22
C SER A 370 -1.69 9.29 6.11
N SER A 371 -1.67 10.02 7.21
CA SER A 371 -2.29 11.33 7.29
C SER A 371 -1.73 12.35 6.32
N MET A 372 -0.41 12.51 6.34
CA MET A 372 0.30 13.49 5.48
C MET A 372 0.05 13.43 3.96
N PHE A 373 -0.51 12.30 3.45
CA PHE A 373 -0.95 12.19 2.05
C PHE A 373 -2.39 12.60 1.77
N SER A 374 -3.27 12.65 2.80
CA SER A 374 -4.63 13.18 2.68
C SER A 374 -4.68 14.59 2.19
N TYR A 375 -5.84 14.93 1.66
CA TYR A 375 -6.18 16.32 1.34
C TYR A 375 -6.53 17.05 2.68
N GLY A 376 -6.89 16.28 3.70
CA GLY A 376 -6.86 16.76 5.08
C GLY A 376 -5.59 16.56 5.88
N ALA A 377 -4.44 16.58 5.21
CA ALA A 377 -3.15 16.71 5.92
C ALA A 377 -2.87 18.13 6.43
N ASP A 378 -2.23 18.20 7.60
CA ASP A 378 -1.80 19.45 8.19
C ASP A 378 -0.26 19.69 8.11
N LEU A 379 0.13 20.50 7.12
CA LEU A 379 1.51 21.01 7.03
C LEU A 379 1.54 22.51 7.21
N SER A 380 0.91 22.95 8.29
CA SER A 380 0.67 24.35 8.50
C SER A 380 1.84 25.09 9.14
N ARG A 381 2.86 24.37 9.63
CA ARG A 381 4.10 24.98 10.12
C ARG A 381 4.98 25.42 8.97
N ILE A 382 4.72 24.90 7.76
CA ILE A 382 5.47 25.31 6.56
C ILE A 382 5.03 26.68 6.07
N THR A 383 3.73 26.81 5.83
CA THR A 383 3.15 28.08 5.38
C THR A 383 1.67 28.13 5.66
N GLY A 384 1.12 29.30 5.91
CA GLY A 384 -0.31 29.44 6.00
C GLY A 384 -0.91 29.85 4.68
N MET A 385 -0.10 30.28 3.72
CA MET A 385 -0.58 30.80 2.41
C MET A 385 -1.35 29.74 1.61
N GLN A 386 -1.06 28.46 1.88
CA GLN A 386 -1.66 27.32 1.20
C GLN A 386 -1.81 26.10 2.11
N LYS A 387 -2.77 25.25 1.79
CA LYS A 387 -2.97 23.97 2.47
C LYS A 387 -2.22 22.88 1.71
N LEU A 388 -1.14 22.37 2.35
CA LEU A 388 -0.19 21.49 1.68
C LEU A 388 -0.34 20.05 2.18
N HIS A 389 -0.08 19.11 1.27
CA HIS A 389 -0.02 17.70 1.60
C HIS A 389 1.14 17.10 0.83
N VAL A 390 1.56 15.90 1.26
CA VAL A 390 2.54 15.11 0.51
C VAL A 390 1.85 14.44 -0.66
N ASP A 391 2.25 14.81 -1.88
CA ASP A 391 1.78 14.15 -3.09
C ASP A 391 2.41 12.80 -3.30
N LYS A 392 3.71 12.72 -3.12
CA LYS A 392 4.52 11.64 -3.59
C LYS A 392 5.85 11.53 -2.81
N ILE A 393 6.25 10.29 -2.54
CA ILE A 393 7.57 9.96 -1.99
C ILE A 393 8.25 8.79 -2.67
N THR A 394 9.35 9.03 -3.34
CA THR A 394 10.08 7.98 -4.00
C THR A 394 11.31 7.69 -3.19
N HIS A 395 11.87 6.50 -3.36
CA HIS A 395 13.13 6.13 -2.79
C HIS A 395 13.82 5.29 -3.80
N LYS A 396 15.06 5.60 -4.09
CA LYS A 396 15.84 4.94 -5.14
C LYS A 396 17.22 4.65 -4.54
N SER A 397 17.76 3.45 -4.76
CA SER A 397 19.08 3.09 -4.17
C SER A 397 19.89 2.16 -5.04
N VAL A 398 21.22 2.20 -4.92
CA VAL A 398 22.11 1.34 -5.68
C VAL A 398 23.20 0.70 -4.82
N LEU A 399 23.52 -0.58 -5.08
CA LEU A 399 24.53 -1.31 -4.34
C LEU A 399 25.51 -1.90 -5.33
N HIS A 400 26.78 -1.62 -5.16
CA HIS A 400 27.82 -2.09 -6.03
C HIS A 400 28.85 -2.73 -5.12
N VAL A 401 29.01 -4.02 -5.22
CA VAL A 401 30.06 -4.74 -4.53
C VAL A 401 31.13 -5.20 -5.56
N ASN A 402 32.40 -4.99 -5.23
CA ASN A 402 33.48 -5.45 -6.04
C ASN A 402 34.69 -5.80 -5.19
N GLU A 403 35.82 -6.12 -5.82
CA GLU A 403 37.03 -6.50 -5.12
C GLU A 403 37.56 -5.44 -4.15
N GLU A 404 37.40 -4.15 -4.47
CA GLU A 404 37.89 -3.06 -3.58
C GLU A 404 36.97 -2.86 -2.39
N GLY A 405 35.69 -3.11 -2.58
CA GLY A 405 34.75 -2.61 -1.63
C GLY A 405 33.35 -2.45 -2.13
N THR A 406 32.63 -1.54 -1.50
CA THR A 406 31.24 -1.37 -1.75
C THR A 406 30.98 0.10 -2.00
N GLU A 407 30.16 0.40 -3.02
CA GLU A 407 29.69 1.74 -3.30
C GLU A 407 28.20 1.65 -3.21
N ALA A 408 27.58 2.61 -2.52
CA ALA A 408 26.11 2.60 -2.31
C ALA A 408 25.58 4.00 -2.30
N LYS A 409 24.52 4.24 -3.07
CA LYS A 409 23.84 5.53 -3.16
C LYS A 409 22.40 5.29 -2.72
N ALA A 410 21.78 6.28 -2.09
CA ALA A 410 20.32 6.36 -1.96
C ALA A 410 19.85 7.78 -2.18
N GLU A 411 18.59 7.92 -2.53
CA GLU A 411 17.95 9.21 -2.87
C GLU A 411 16.50 9.10 -2.45
N THR A 412 16.06 9.99 -1.56
CA THR A 412 14.66 10.11 -1.23
C THR A 412 14.17 11.47 -1.68
N VAL A 413 13.04 11.47 -2.37
CA VAL A 413 12.42 12.66 -2.90
C VAL A 413 10.97 12.73 -2.37
N VAL A 414 10.56 13.91 -1.89
CA VAL A 414 9.22 14.15 -1.40
C VAL A 414 8.63 15.30 -2.17
N GLY A 415 7.42 15.16 -2.68
CA GLY A 415 6.82 16.24 -3.46
C GLY A 415 5.63 16.73 -2.68
N ILE A 416 5.54 18.03 -2.48
CA ILE A 416 4.46 18.60 -1.71
C ILE A 416 3.60 19.49 -2.64
N MET A 417 2.28 19.31 -2.63
CA MET A 417 1.32 20.10 -3.46
C MET A 417 0.20 20.72 -2.62
N ALA A 418 -0.64 21.54 -3.27
CA ALA A 418 -2.01 21.88 -2.77
C ALA A 418 -3.12 21.29 -3.65
N SER B 76 -27.80 -2.19 17.75
CA SER B 76 -28.15 -3.61 17.38
C SER B 76 -26.93 -4.43 17.02
N LYS B 77 -27.01 -5.74 17.08
CA LYS B 77 -25.84 -6.60 16.78
C LYS B 77 -25.49 -6.49 15.29
N THR B 78 -26.48 -6.73 14.43
CA THR B 78 -26.31 -6.62 12.96
C THR B 78 -25.79 -5.23 12.51
N GLN B 79 -26.27 -4.19 13.18
CA GLN B 79 -25.87 -2.81 12.88
C GLN B 79 -24.39 -2.53 13.17
N ARG B 80 -23.84 -3.13 14.23
CA ARG B 80 -22.39 -2.97 14.59
C ARG B 80 -21.46 -3.59 13.57
N ILE B 81 -21.78 -4.80 13.14
CA ILE B 81 -20.98 -5.47 12.10
C ILE B 81 -21.15 -4.79 10.74
N ALA B 82 -22.33 -4.27 10.45
CA ALA B 82 -22.55 -3.51 9.24
C ALA B 82 -21.63 -2.26 9.18
N SER B 83 -21.43 -1.62 10.33
CA SER B 83 -20.56 -0.44 10.39
C SER B 83 -19.10 -0.78 10.34
N ALA B 84 -18.75 -1.99 10.79
CA ALA B 84 -17.37 -2.48 10.67
C ALA B 84 -17.05 -2.68 9.23
N VAL B 85 -17.99 -3.26 8.53
CA VAL B 85 -17.83 -3.51 7.11
C VAL B 85 -17.84 -2.20 6.35
N ASN B 86 -18.74 -1.30 6.71
CA ASN B 86 -18.71 0.04 6.13
C ASN B 86 -17.39 0.72 6.40
N GLY B 87 -16.91 0.57 7.61
CA GLY B 87 -15.61 1.10 8.00
C GLY B 87 -14.51 0.67 7.06
N LEU B 88 -14.41 -0.62 6.86
CA LEU B 88 -13.52 -1.18 5.89
C LEU B 88 -13.71 -0.55 4.51
N GLY B 89 -14.96 -0.37 4.09
CA GLY B 89 -15.29 0.12 2.77
C GLY B 89 -14.76 1.51 2.59
N PHE B 90 -15.03 2.35 3.57
CA PHE B 90 -14.62 3.74 3.52
C PHE B 90 -13.07 3.87 3.53
N ARG B 91 -12.44 3.18 4.46
CA ARG B 91 -10.99 3.10 4.45
C ARG B 91 -10.45 2.68 3.07
N LEU B 92 -11.10 1.72 2.44
CA LEU B 92 -10.65 1.31 1.13
C LEU B 92 -10.89 2.44 0.13
N TYR B 93 -12.05 3.10 0.23
CA TYR B 93 -12.38 4.19 -0.70
C TYR B 93 -11.26 5.18 -0.72
N LYS B 94 -10.80 5.52 0.49
CA LYS B 94 -9.73 6.48 0.69
C LYS B 94 -8.44 6.11 0.05
N GLN B 95 -8.12 4.83 0.01
CA GLN B 95 -6.97 4.35 -0.74
C GLN B 95 -7.18 4.45 -2.24
N VAL B 96 -8.34 4.05 -2.74
CA VAL B 96 -8.62 4.12 -4.20
C VAL B 96 -8.42 5.54 -4.77
N LEU B 97 -8.78 6.58 -3.99
CA LEU B 97 -8.53 8.00 -4.32
C LEU B 97 -7.08 8.37 -4.64
N GLY B 98 -6.15 7.71 -3.97
CA GLY B 98 -4.73 7.97 -4.17
C GLY B 98 -4.26 7.67 -5.59
N GLY B 99 -5.02 6.86 -6.34
CA GLY B 99 -4.65 6.44 -7.67
C GLY B 99 -5.75 6.58 -8.67
N ALA B 100 -6.58 7.60 -8.49
CA ALA B 100 -7.71 7.83 -9.37
C ALA B 100 -7.60 9.29 -9.80
N GLY B 101 -7.27 9.48 -11.07
CA GLY B 101 -7.44 10.77 -11.70
C GLY B 101 -8.88 11.19 -11.46
N PRO B 102 -9.14 12.48 -11.28
CA PRO B 102 -10.53 12.89 -10.95
C PRO B 102 -11.56 12.78 -12.11
N ALA B 103 -11.15 12.32 -13.30
CA ALA B 103 -12.07 11.85 -14.35
C ALA B 103 -12.50 10.37 -14.22
N ASP B 104 -11.91 9.64 -13.27
CA ASP B 104 -12.13 8.18 -13.11
C ASP B 104 -13.39 7.83 -12.31
N ASN B 105 -14.02 6.72 -12.69
CA ASN B 105 -15.11 6.12 -11.92
C ASN B 105 -14.56 5.21 -10.80
N ILE B 106 -15.17 5.32 -9.62
CA ILE B 106 -14.89 4.44 -8.48
C ILE B 106 -16.16 3.61 -8.15
N PHE B 107 -16.01 2.28 -8.04
CA PHE B 107 -17.13 1.40 -7.73
C PHE B 107 -16.71 0.05 -7.20
N PHE B 108 -17.22 -0.30 -6.02
CA PHE B 108 -16.84 -1.56 -5.36
C PHE B 108 -17.82 -1.92 -4.25
N SER B 109 -17.90 -3.20 -3.87
CA SER B 109 -18.76 -3.65 -2.77
C SER B 109 -17.92 -3.99 -1.57
N PRO B 110 -18.09 -3.28 -0.45
CA PRO B 110 -17.44 -3.72 0.79
C PRO B 110 -17.83 -5.11 1.28
N LEU B 111 -19.11 -5.53 1.15
CA LEU B 111 -19.56 -6.85 1.60
C LEU B 111 -18.88 -7.97 0.88
N SER B 112 -18.71 -7.81 -0.44
CA SER B 112 -18.04 -8.80 -1.25
C SER B 112 -16.62 -8.94 -0.79
N ILE B 113 -15.96 -7.83 -0.58
CA ILE B 113 -14.55 -7.86 -0.23
C ILE B 113 -14.42 -8.38 1.19
N ALA B 114 -15.32 -7.98 2.08
CA ALA B 114 -15.26 -8.47 3.47
C ALA B 114 -15.50 -9.94 3.56
N SER B 115 -16.40 -10.44 2.71
CA SER B 115 -16.68 -11.88 2.66
C SER B 115 -15.48 -12.67 2.22
N ALA B 116 -14.81 -12.22 1.16
CA ALA B 116 -13.64 -12.93 0.68
C ALA B 116 -12.51 -12.90 1.72
N LEU B 117 -12.28 -11.77 2.36
CA LEU B 117 -11.27 -11.68 3.40
C LEU B 117 -11.63 -12.37 4.70
N GLY B 118 -12.91 -12.49 4.99
CA GLY B 118 -13.36 -13.29 6.12
C GLY B 118 -12.93 -14.74 5.95
N VAL B 119 -13.02 -15.26 4.74
CA VAL B 119 -12.65 -16.61 4.48
C VAL B 119 -11.14 -16.73 4.76
N VAL B 120 -10.35 -15.79 4.28
CA VAL B 120 -8.89 -15.82 4.47
C VAL B 120 -8.59 -15.68 5.95
N THR B 121 -9.39 -14.88 6.65
CA THR B 121 -9.21 -14.70 8.10
C THR B 121 -9.40 -15.99 8.85
N ALA B 122 -10.44 -16.72 8.46
CA ALA B 122 -10.76 -17.98 9.06
C ALA B 122 -9.61 -18.98 8.98
N GLY B 123 -8.74 -18.86 7.98
CA GLY B 123 -7.57 -19.71 7.84
C GLY B 123 -6.27 -19.11 8.31
N ALA B 124 -6.33 -17.91 8.87
CA ALA B 124 -5.10 -17.21 9.19
C ALA B 124 -4.73 -17.60 10.57
N ASN B 125 -3.43 -17.55 10.84
CA ASN B 125 -2.96 -17.47 12.20
C ASN B 125 -1.85 -16.45 12.42
N GLY B 126 -1.57 -16.15 13.69
CA GLY B 126 -0.46 -15.29 14.08
C GLY B 126 -0.62 -13.83 13.69
N SER B 127 0.50 -13.25 13.26
CA SER B 127 0.52 -11.88 12.76
C SER B 127 -0.51 -11.67 11.62
N THR B 128 -0.62 -12.64 10.71
CA THR B 128 -1.57 -12.54 9.55
C THR B 128 -3.03 -12.40 9.97
N ARG B 129 -3.45 -13.29 10.89
CA ARG B 129 -4.73 -13.24 11.58
C ARG B 129 -4.91 -11.88 12.25
N ALA B 130 -3.95 -11.45 13.06
CA ALA B 130 -4.04 -10.15 13.79
C ALA B 130 -4.33 -8.92 12.91
N GLU B 131 -3.44 -8.65 11.94
CA GLU B 131 -3.66 -7.61 10.92
C GLU B 131 -5.06 -7.64 10.28
N LEU B 132 -5.46 -8.84 9.87
CA LEU B 132 -6.77 -9.08 9.28
C LEU B 132 -7.99 -8.83 10.23
N ASP B 133 -7.91 -9.31 11.49
CA ASP B 133 -8.91 -8.99 12.54
C ASP B 133 -8.98 -7.47 12.73
N THR B 134 -7.82 -6.79 12.84
CA THR B 134 -7.85 -5.33 13.07
C THR B 134 -8.52 -4.64 11.86
N ALA B 135 -8.18 -5.02 10.64
CA ALA B 135 -8.93 -4.47 9.52
C ALA B 135 -10.46 -4.76 9.55
N LEU B 136 -10.88 -5.98 9.84
CA LEU B 136 -12.34 -6.32 9.82
C LEU B 136 -13.23 -5.97 11.07
N GLY B 137 -12.62 -5.49 12.17
CA GLY B 137 -13.38 -5.09 13.36
C GLY B 137 -14.21 -6.15 14.09
N SER B 150 -16.75 -12.27 16.73
CA SER B 150 -16.99 -11.23 15.72
C SER B 150 -17.68 -11.78 14.44
N MET B 151 -17.02 -12.69 13.72
CA MET B 151 -17.55 -13.25 12.45
C MET B 151 -18.90 -14.03 12.57
N LYS B 152 -19.35 -14.39 13.78
CA LYS B 152 -20.67 -15.03 13.99
C LYS B 152 -21.86 -14.22 13.47
N TYR B 153 -21.82 -12.96 13.80
CA TYR B 153 -22.91 -12.06 13.48
C TYR B 153 -22.76 -11.53 12.05
N PHE B 154 -21.63 -11.80 11.39
CA PHE B 154 -21.45 -11.56 9.94
C PHE B 154 -22.38 -12.43 9.09
N ALA B 155 -22.52 -13.68 9.46
CA ALA B 155 -23.47 -14.55 8.76
C ALA B 155 -24.93 -14.16 9.04
N ARG B 156 -25.20 -13.62 10.23
CA ARG B 156 -26.56 -13.13 10.51
C ARG B 156 -26.93 -11.94 9.63
N LEU B 157 -26.00 -10.98 9.52
CA LEU B 157 -26.12 -9.82 8.62
C LEU B 157 -26.45 -10.28 7.23
N ASN B 158 -25.61 -11.15 6.67
CA ASN B 158 -25.86 -11.59 5.29
C ASN B 158 -27.22 -12.30 5.17
N GLY B 159 -27.59 -13.09 6.16
CA GLY B 159 -28.95 -13.65 6.20
C GLY B 159 -30.05 -12.61 6.20
N ALA B 160 -29.87 -11.55 6.98
CA ALA B 160 -30.84 -10.42 7.01
C ALA B 160 -30.92 -9.68 5.67
N LEU B 161 -29.79 -9.47 5.01
CA LEU B 161 -29.74 -8.65 3.80
C LEU B 161 -30.24 -9.39 2.56
N TYR B 162 -29.78 -10.62 2.37
CA TYR B 162 -30.01 -11.34 1.14
C TYR B 162 -31.44 -11.83 1.15
N LYS B 163 -32.25 -11.30 0.24
CA LYS B 163 -33.68 -11.63 0.20
C LYS B 163 -34.19 -11.24 -1.17
N ARG B 164 -35.34 -11.77 -1.52
CA ARG B 164 -35.98 -11.58 -2.82
C ARG B 164 -37.45 -11.28 -2.51
N SER B 165 -37.98 -10.24 -3.12
CA SER B 165 -39.37 -9.81 -2.92
C SER B 165 -39.70 -8.94 -4.12
N ALA B 166 -40.92 -8.42 -4.21
CA ALA B 166 -41.36 -7.65 -5.39
C ALA B 166 -40.42 -6.47 -5.64
N GLY B 167 -39.85 -6.40 -6.85
CA GLY B 167 -38.95 -5.33 -7.27
C GLY B 167 -37.63 -5.20 -6.52
N PHE B 168 -37.16 -6.28 -5.88
CA PHE B 168 -35.91 -6.25 -5.10
C PHE B 168 -35.24 -7.62 -5.14
N GLU B 169 -33.93 -7.64 -5.37
CA GLU B 169 -33.14 -8.86 -5.22
C GLU B 169 -31.75 -8.46 -4.73
N LEU B 170 -31.34 -9.04 -3.61
CA LEU B 170 -29.95 -9.04 -3.17
C LEU B 170 -29.52 -10.48 -2.85
N MET B 171 -28.48 -10.95 -3.51
CA MET B 171 -28.06 -12.33 -3.49
C MET B 171 -26.54 -12.31 -3.39
N GLY B 172 -26.00 -13.18 -2.56
CA GLY B 172 -24.58 -13.27 -2.31
C GLY B 172 -24.17 -14.74 -2.17
N LYS B 173 -23.04 -15.08 -2.80
CA LYS B 173 -22.57 -16.45 -2.86
C LYS B 173 -21.07 -16.45 -2.67
N ASN B 174 -20.61 -17.17 -1.66
CA ASN B 174 -19.20 -17.51 -1.52
C ASN B 174 -18.94 -18.90 -2.05
N VAL B 175 -17.79 -19.08 -2.69
CA VAL B 175 -17.39 -20.35 -3.21
C VAL B 175 -15.91 -20.42 -2.95
N VAL B 176 -15.47 -21.61 -2.55
CA VAL B 176 -14.06 -21.86 -2.29
C VAL B 176 -13.59 -23.11 -3.05
N PHE B 177 -12.64 -22.91 -3.95
CA PHE B 177 -12.02 -23.99 -4.68
C PHE B 177 -10.70 -24.34 -4.03
N SER B 178 -10.40 -25.63 -3.97
CA SER B 178 -9.19 -26.09 -3.33
C SER B 178 -8.45 -27.12 -4.21
N LYS B 179 -7.13 -27.12 -4.12
CA LYS B 179 -6.29 -28.10 -4.88
C LYS B 179 -6.70 -29.52 -4.55
N LYS B 180 -6.75 -30.35 -5.59
CA LYS B 180 -7.33 -31.68 -5.48
C LYS B 180 -6.56 -32.54 -4.52
N GLY B 181 -5.23 -32.48 -4.54
CA GLY B 181 -4.48 -33.25 -3.55
C GLY B 181 -4.53 -32.78 -2.09
N LEU B 182 -5.01 -31.58 -1.85
CA LEU B 182 -4.62 -30.80 -0.67
C LEU B 182 -5.56 -30.95 0.50
N TRP B 183 -5.00 -31.48 1.60
CA TRP B 183 -5.76 -31.78 2.83
C TRP B 183 -6.06 -30.48 3.53
N LEU B 184 -7.31 -30.35 3.94
CA LEU B 184 -7.78 -29.20 4.69
C LEU B 184 -8.26 -29.61 6.08
N TYR B 185 -7.96 -28.77 7.06
CA TYR B 185 -8.49 -28.98 8.38
C TYR B 185 -10.02 -28.80 8.34
N ARG B 186 -10.72 -29.63 9.09
CA ARG B 186 -12.15 -29.57 9.17
C ARG B 186 -12.73 -28.35 9.93
N GLN B 187 -11.98 -27.80 10.86
CA GLN B 187 -12.47 -26.66 11.63
C GLN B 187 -12.52 -25.45 10.68
N PHE B 188 -11.59 -25.43 9.74
CA PHE B 188 -11.62 -24.47 8.64
C PHE B 188 -12.82 -24.70 7.72
N THR B 189 -13.03 -25.91 7.23
CA THR B 189 -14.10 -26.10 6.24
C THR B 189 -15.48 -25.82 6.81
N ARG B 190 -15.67 -26.18 8.07
CA ARG B 190 -16.95 -26.05 8.75
C ARG B 190 -17.25 -24.64 9.13
N THR B 191 -16.24 -23.87 9.57
CA THR B 191 -16.50 -22.45 9.82
C THR B 191 -16.74 -21.72 8.51
N VAL B 192 -16.13 -22.11 7.40
CA VAL B 192 -16.53 -21.50 6.09
C VAL B 192 -17.91 -21.94 5.57
N ALA B 193 -18.34 -23.17 5.89
CA ALA B 193 -19.66 -23.59 5.51
C ALA B 193 -20.66 -22.84 6.38
N HIS B 194 -20.35 -22.67 7.67
CA HIS B 194 -21.31 -22.07 8.59
C HIS B 194 -21.42 -20.57 8.44
N LEU B 195 -20.30 -19.86 8.51
CA LEU B 195 -20.31 -18.41 8.43
C LEU B 195 -20.43 -17.84 7.02
N PHE B 196 -19.96 -18.58 6.01
CA PHE B 196 -19.95 -18.08 4.61
C PHE B 196 -20.82 -18.89 3.65
N LYS B 197 -21.47 -19.95 4.10
CA LYS B 197 -22.36 -20.77 3.27
C LYS B 197 -21.70 -21.38 2.05
N SER B 198 -20.41 -21.68 2.15
CA SER B 198 -19.71 -22.40 1.09
C SER B 198 -19.25 -23.79 1.51
N ASN B 199 -19.64 -24.80 0.73
CA ASN B 199 -18.88 -26.04 0.73
C ASN B 199 -17.68 -25.82 -0.19
N VAL B 200 -16.63 -26.58 0.08
CA VAL B 200 -15.36 -26.46 -0.65
C VAL B 200 -15.42 -27.43 -1.81
N ARG B 201 -15.23 -26.95 -3.04
CA ARG B 201 -15.11 -27.80 -4.21
C ARG B 201 -13.62 -27.97 -4.56
N SER B 202 -13.19 -29.21 -4.82
CA SER B 202 -11.81 -29.45 -5.22
C SER B 202 -11.63 -29.39 -6.74
N VAL B 203 -10.41 -29.09 -7.17
CA VAL B 203 -10.12 -28.85 -8.58
C VAL B 203 -8.68 -29.24 -8.90
N ASP B 204 -8.47 -29.69 -10.13
CA ASP B 204 -7.14 -29.95 -10.65
C ASP B 204 -6.67 -28.69 -11.35
N PHE B 205 -5.96 -27.85 -10.61
CA PHE B 205 -5.43 -26.60 -11.18
C PHE B 205 -4.24 -26.84 -12.09
N GLY B 206 -3.63 -28.03 -12.02
CA GLY B 206 -2.60 -28.46 -12.97
C GLY B 206 -3.06 -28.44 -14.42
N ASP B 207 -4.21 -29.07 -14.69
CA ASP B 207 -4.88 -28.97 -15.99
C ASP B 207 -5.70 -27.68 -16.01
N SER B 208 -5.03 -26.55 -16.24
CA SER B 208 -5.61 -25.21 -15.98
C SER B 208 -6.65 -24.66 -16.99
N LYS B 209 -6.56 -25.07 -18.26
CA LYS B 209 -7.56 -24.66 -19.27
C LYS B 209 -8.92 -25.13 -18.82
N ASN B 210 -8.98 -26.42 -18.49
CA ASN B 210 -10.20 -27.05 -17.98
C ASN B 210 -10.57 -26.58 -16.61
N ALA B 211 -9.56 -26.35 -15.77
CA ALA B 211 -9.79 -25.78 -14.44
C ALA B 211 -10.61 -24.45 -14.48
N VAL B 212 -10.24 -23.53 -15.38
CA VAL B 212 -10.98 -22.26 -15.53
C VAL B 212 -12.42 -22.52 -16.02
N GLU B 213 -12.60 -23.42 -16.98
CA GLU B 213 -13.95 -23.71 -17.48
C GLU B 213 -14.83 -24.35 -16.42
N LEU B 214 -14.23 -25.22 -15.62
CA LEU B 214 -14.95 -25.95 -14.56
C LEU B 214 -15.35 -24.98 -13.47
N MET B 215 -14.40 -24.18 -13.01
CA MET B 215 -14.70 -23.21 -11.96
C MET B 215 -15.82 -22.24 -12.38
N ASN B 216 -15.69 -21.63 -13.55
CA ASN B 216 -16.68 -20.70 -14.08
C ASN B 216 -18.01 -21.35 -14.29
N ALA B 217 -18.01 -22.60 -14.79
CA ALA B 217 -19.26 -23.37 -14.94
C ALA B 217 -19.96 -23.59 -13.59
N TYR B 218 -19.19 -23.90 -12.55
CA TYR B 218 -19.77 -24.04 -11.19
C TYR B 218 -20.37 -22.74 -10.68
N ILE B 219 -19.65 -21.64 -10.90
CA ILE B 219 -20.10 -20.35 -10.42
C ILE B 219 -21.39 -19.96 -11.13
N GLU B 220 -21.40 -20.14 -12.44
CA GLU B 220 -22.55 -19.83 -13.24
C GLU B 220 -23.76 -20.66 -12.85
N LYS B 221 -23.57 -21.95 -12.64
CA LYS B 221 -24.66 -22.79 -12.21
C LYS B 221 -25.32 -22.26 -10.97
N VAL B 222 -24.50 -21.89 -10.00
CA VAL B 222 -25.00 -21.46 -8.70
C VAL B 222 -25.49 -19.96 -8.64
N THR B 223 -25.52 -19.25 -9.76
CA THR B 223 -25.87 -17.84 -9.74
C THR B 223 -26.79 -17.49 -10.94
N SER B 224 -27.64 -18.45 -11.31
CA SER B 224 -28.42 -18.48 -12.57
C SER B 224 -27.86 -17.60 -13.66
N LYS B 225 -26.67 -17.96 -14.14
CA LYS B 225 -26.05 -17.30 -15.30
C LYS B 225 -25.80 -15.78 -15.21
N LYS B 226 -25.82 -15.21 -14.01
CA LYS B 226 -25.50 -13.79 -13.85
C LYS B 226 -23.99 -13.61 -13.86
N PHE B 227 -23.27 -14.62 -13.40
CA PHE B 227 -21.81 -14.59 -13.28
C PHE B 227 -21.17 -15.75 -14.06
N PRO B 228 -20.89 -15.54 -15.34
CA PRO B 228 -20.01 -16.41 -16.08
C PRO B 228 -18.63 -15.78 -15.95
N ASP B 229 -17.60 -16.43 -16.47
CA ASP B 229 -16.24 -15.83 -16.59
C ASP B 229 -15.64 -15.06 -15.38
N VAL B 230 -16.03 -15.43 -14.16
CA VAL B 230 -15.49 -14.78 -12.97
C VAL B 230 -14.00 -15.07 -12.86
N ILE B 231 -13.58 -16.23 -13.34
CA ILE B 231 -12.15 -16.54 -13.38
C ILE B 231 -11.64 -16.55 -14.81
N SER B 232 -10.51 -15.87 -15.00
CA SER B 232 -9.82 -15.80 -16.29
C SER B 232 -8.64 -16.78 -16.40
N ASP B 233 -7.90 -16.95 -15.31
CA ASP B 233 -6.61 -17.63 -15.34
C ASP B 233 -6.35 -18.24 -13.98
N VAL B 234 -5.59 -19.34 -13.97
CA VAL B 234 -5.21 -20.03 -12.73
C VAL B 234 -3.85 -20.74 -12.87
N ASP B 235 -2.93 -20.43 -11.97
CA ASP B 235 -1.63 -21.08 -11.87
C ASP B 235 -1.78 -22.59 -11.54
N THR B 236 -0.85 -23.41 -12.02
CA THR B 236 -0.68 -24.81 -11.59
C THR B 236 -0.46 -24.94 -10.06
N ASP B 237 0.46 -24.12 -9.56
CA ASP B 237 0.83 -24.08 -8.13
C ASP B 237 -0.16 -23.28 -7.27
N THR B 238 -1.30 -22.93 -7.87
CA THR B 238 -2.44 -22.49 -7.11
C THR B 238 -3.00 -23.60 -6.29
N SER B 239 -3.26 -23.22 -5.04
CA SER B 239 -3.66 -24.12 -4.00
C SER B 239 -5.09 -23.88 -3.57
N LEU B 240 -5.53 -22.62 -3.51
CA LEU B 240 -6.95 -22.30 -3.36
C LEU B 240 -7.31 -21.04 -4.09
N VAL B 241 -8.60 -20.93 -4.41
CA VAL B 241 -9.22 -19.72 -4.94
C VAL B 241 -10.51 -19.49 -4.21
N ILE B 242 -10.66 -18.33 -3.61
CA ILE B 242 -11.86 -17.96 -2.83
C ILE B 242 -12.59 -16.97 -3.66
N VAL B 243 -13.90 -17.07 -3.71
CA VAL B 243 -14.73 -16.20 -4.55
C VAL B 243 -15.93 -15.72 -3.78
N ASN B 244 -16.16 -14.41 -3.80
CA ASN B 244 -17.46 -13.86 -3.45
C ASN B 244 -18.03 -13.17 -4.67
N VAL B 245 -19.32 -13.38 -4.88
CA VAL B 245 -20.10 -12.56 -5.77
C VAL B 245 -21.34 -12.09 -5.10
N ILE B 246 -21.82 -10.96 -5.56
CA ILE B 246 -22.93 -10.27 -4.97
C ILE B 246 -23.64 -9.48 -6.05
N TYR B 247 -24.94 -9.66 -6.09
CA TYR B 247 -25.79 -9.16 -7.17
C TYR B 247 -26.93 -8.46 -6.49
N PHE B 248 -27.15 -7.21 -6.86
CA PHE B 248 -28.29 -6.39 -6.42
C PHE B 248 -29.12 -5.89 -7.62
N LYS B 249 -30.44 -6.02 -7.55
CA LYS B 249 -31.31 -5.39 -8.55
C LYS B 249 -32.54 -4.84 -7.89
N GLY B 250 -32.58 -3.51 -7.82
CA GLY B 250 -33.65 -2.82 -7.14
C GLY B 250 -34.44 -1.95 -8.07
N SER B 251 -35.77 -2.06 -7.99
CA SER B 251 -36.64 -1.14 -8.67
C SER B 251 -36.79 0.13 -7.85
N TRP B 252 -36.80 1.28 -8.53
CA TRP B 252 -37.05 2.54 -7.83
C TRP B 252 -38.44 2.47 -7.19
N GLY B 253 -38.57 3.10 -6.04
CA GLY B 253 -39.90 3.33 -5.48
C GLY B 253 -40.69 4.29 -6.35
N ASN B 254 -39.98 5.24 -6.96
CA ASN B 254 -40.55 6.17 -7.92
C ASN B 254 -39.83 5.95 -9.25
N LYS B 255 -40.44 5.16 -10.13
CA LYS B 255 -39.82 4.87 -11.42
C LYS B 255 -39.87 6.10 -12.31
N PHE B 256 -38.81 6.31 -13.10
CA PHE B 256 -38.69 7.45 -14.00
C PHE B 256 -39.47 7.12 -15.23
N GLU B 257 -39.98 8.16 -15.89
CA GLU B 257 -40.67 8.00 -17.17
C GLU B 257 -39.64 8.09 -18.30
N PRO B 258 -39.59 7.07 -19.19
CA PRO B 258 -38.70 7.11 -20.35
C PRO B 258 -38.95 8.33 -21.23
N ASP B 259 -40.23 8.66 -21.44
CA ASP B 259 -40.61 9.88 -22.17
C ASP B 259 -39.87 11.13 -21.70
N LEU B 260 -39.52 11.20 -20.41
CA LEU B 260 -38.73 12.30 -19.87
C LEU B 260 -37.26 11.90 -19.74
N THR B 261 -36.61 11.60 -20.86
CA THR B 261 -35.18 11.25 -20.85
C THR B 261 -34.55 11.80 -22.11
N LYS B 262 -33.74 12.83 -21.94
CA LYS B 262 -33.13 13.62 -22.99
C LYS B 262 -31.65 13.80 -22.70
N ASN B 263 -30.83 14.02 -23.72
CA ASN B 263 -29.40 14.20 -23.54
C ASN B 263 -29.14 15.53 -22.86
N VAL B 264 -28.13 15.60 -22.01
CA VAL B 264 -27.78 16.82 -21.26
C VAL B 264 -26.26 16.81 -21.07
N ARG B 265 -25.66 17.99 -21.09
CA ARG B 265 -24.24 18.10 -20.80
C ARG B 265 -24.02 17.69 -19.36
N PHE B 266 -23.20 16.65 -19.20
CA PHE B 266 -22.64 16.26 -17.91
C PHE B 266 -21.21 16.80 -17.88
N TRP B 267 -20.93 17.62 -16.88
CA TRP B 267 -19.64 18.28 -16.73
C TRP B 267 -18.75 17.50 -15.80
N VAL B 268 -17.85 16.70 -16.39
CA VAL B 268 -16.75 16.00 -15.69
C VAL B 268 -15.83 16.97 -14.91
N ASN B 269 -15.87 18.24 -15.30
CA ASN B 269 -14.71 19.13 -15.30
C ASN B 269 -15.19 20.59 -15.37
N SER B 270 -14.26 21.54 -15.39
CA SER B 270 -14.57 22.88 -15.88
C SER B 270 -14.69 22.85 -17.42
N SER B 271 -13.91 22.00 -18.13
CA SER B 271 -13.84 21.98 -19.63
C SER B 271 -14.45 20.78 -20.41
N TYR B 272 -14.12 19.55 -19.98
CA TYR B 272 -14.57 18.24 -20.62
C TYR B 272 -16.03 17.82 -20.29
N SER B 273 -16.96 18.11 -21.21
CA SER B 273 -18.38 17.73 -21.10
C SER B 273 -18.69 16.57 -22.04
N MET B 274 -19.90 16.04 -21.93
CA MET B 274 -20.40 15.01 -22.84
C MET B 274 -21.93 14.88 -22.75
N MET B 275 -22.55 14.37 -23.81
CA MET B 275 -24.00 14.24 -23.88
C MET B 275 -24.43 12.93 -23.24
N VAL B 276 -25.07 13.02 -22.08
CA VAL B 276 -25.45 11.84 -21.35
C VAL B 276 -26.97 11.75 -21.28
N PRO B 277 -27.57 10.60 -21.72
CA PRO B 277 -29.02 10.48 -21.61
C PRO B 277 -29.36 10.65 -20.14
N THR B 278 -30.12 11.69 -19.82
CA THR B 278 -30.37 12.14 -18.46
C THR B 278 -31.86 11.99 -18.21
N MET B 279 -32.20 11.40 -17.06
CA MET B 279 -33.59 11.04 -16.72
C MET B 279 -34.17 12.13 -15.86
N HIS B 280 -35.49 12.16 -15.79
CA HIS B 280 -36.22 13.30 -15.22
C HIS B 280 -37.51 12.88 -14.55
N GLN B 281 -37.73 13.48 -13.39
CA GLN B 281 -38.75 13.07 -12.48
C GLN B 281 -39.16 14.18 -11.53
N ARG B 282 -40.48 14.27 -11.29
CA ARG B 282 -40.99 15.08 -10.21
C ARG B 282 -41.54 14.10 -9.19
N ALA B 283 -40.78 13.86 -8.13
CA ALA B 283 -41.28 13.02 -7.03
C ALA B 283 -40.89 13.53 -5.65
N LYS B 284 -41.50 12.93 -4.62
CA LYS B 284 -41.27 13.27 -3.21
C LYS B 284 -40.01 12.58 -2.63
N LEU B 285 -38.88 13.27 -2.66
CA LEU B 285 -37.61 12.69 -2.27
C LEU B 285 -37.01 13.48 -1.16
N SER B 286 -36.37 12.80 -0.22
CA SER B 286 -35.60 13.48 0.81
C SER B 286 -34.33 14.04 0.25
N TYR B 287 -34.04 15.30 0.55
CA TYR B 287 -32.79 15.97 0.15
C TYR B 287 -32.37 16.93 1.23
N THR B 288 -31.13 17.41 1.15
CA THR B 288 -30.65 18.53 1.97
C THR B 288 -29.37 19.06 1.40
N GLN B 289 -29.14 20.36 1.61
CA GLN B 289 -27.83 20.92 1.31
C GLN B 289 -26.90 20.62 2.46
N ASP B 290 -25.75 20.02 2.17
CA ASP B 290 -24.68 19.99 3.15
C ASP B 290 -23.90 21.29 2.99
N ARG B 291 -24.13 22.21 3.94
CA ARG B 291 -23.46 23.52 3.94
C ARG B 291 -21.97 23.32 4.25
N LYS B 292 -21.66 22.47 5.23
CA LYS B 292 -20.27 22.21 5.61
C LYS B 292 -19.43 21.65 4.43
N LEU B 293 -20.03 20.81 3.56
CA LEU B 293 -19.33 20.15 2.42
C LEU B 293 -19.66 20.70 1.03
N ARG B 294 -20.43 21.80 0.98
CA ARG B 294 -20.70 22.55 -0.25
C ARG B 294 -21.23 21.65 -1.37
N SER B 295 -22.17 20.80 -0.98
CA SER B 295 -22.67 19.76 -1.84
C SER B 295 -24.11 19.38 -1.50
N THR B 296 -24.84 18.93 -2.51
CA THR B 296 -26.22 18.48 -2.39
C THR B 296 -26.28 16.94 -2.08
N VAL B 297 -27.12 16.52 -1.11
CA VAL B 297 -27.38 15.12 -0.77
C VAL B 297 -28.84 14.75 -1.04
N VAL B 298 -29.07 13.57 -1.62
CA VAL B 298 -30.42 13.11 -1.96
C VAL B 298 -30.54 11.59 -1.85
N LYS B 299 -31.71 11.14 -1.41
CA LYS B 299 -31.97 9.75 -1.11
C LYS B 299 -32.95 9.23 -2.11
N LEU B 300 -32.55 8.22 -2.86
CA LEU B 300 -33.40 7.64 -3.91
C LEU B 300 -33.84 6.26 -3.52
N PRO B 301 -35.06 6.14 -2.97
CA PRO B 301 -35.47 4.85 -2.46
C PRO B 301 -35.67 3.81 -3.57
N TYR B 302 -35.34 2.58 -3.22
CA TYR B 302 -35.79 1.42 -3.95
C TYR B 302 -36.96 0.77 -3.21
N GLU B 303 -37.69 -0.10 -3.89
CA GLU B 303 -38.42 -1.20 -3.24
C GLU B 303 -37.39 -2.08 -2.45
N GLY B 304 -37.87 -2.95 -1.56
CA GLY B 304 -37.01 -3.55 -0.51
C GLY B 304 -36.87 -2.50 0.59
N GLY B 305 -35.83 -2.59 1.41
CA GLY B 305 -35.61 -1.53 2.41
C GLY B 305 -34.34 -0.78 2.10
N ALA B 306 -34.11 -0.54 0.83
CA ALA B 306 -32.84 -0.08 0.34
C ALA B 306 -33.01 1.22 -0.42
N SER B 307 -31.94 2.01 -0.49
CA SER B 307 -31.95 3.21 -1.31
C SER B 307 -30.53 3.60 -1.70
N MET B 308 -30.43 4.46 -2.70
CA MET B 308 -29.15 5.05 -3.10
C MET B 308 -29.08 6.48 -2.59
N LEU B 309 -28.02 6.78 -1.85
CA LEU B 309 -27.64 8.12 -1.51
C LEU B 309 -26.80 8.69 -2.62
N VAL B 310 -27.17 9.88 -3.11
CA VAL B 310 -26.35 10.60 -4.12
C VAL B 310 -25.87 11.93 -3.57
N ILE B 311 -24.55 12.11 -3.56
CA ILE B 311 -23.92 13.32 -3.08
C ILE B 311 -23.20 14.02 -4.24
N VAL B 312 -23.66 15.24 -4.57
CA VAL B 312 -23.10 16.09 -5.67
C VAL B 312 -22.39 17.31 -5.12
N PRO B 313 -21.05 17.38 -5.25
CA PRO B 313 -20.46 18.68 -4.93
C PRO B 313 -20.89 19.71 -5.92
N HIS B 314 -21.12 20.93 -5.41
CA HIS B 314 -21.53 22.07 -6.23
C HIS B 314 -20.43 22.42 -7.22
N ARG B 315 -19.21 22.55 -6.71
CA ARG B 315 -18.01 22.73 -7.54
C ARG B 315 -17.27 21.41 -7.53
N THR B 316 -16.98 20.87 -8.71
CA THR B 316 -16.31 19.58 -8.80
C THR B 316 -14.88 19.58 -8.24
N GLU B 317 -14.41 20.77 -7.84
CA GLU B 317 -13.20 20.94 -7.01
C GLU B 317 -13.41 20.68 -5.50
N ASP B 318 -14.64 20.77 -5.01
CA ASP B 318 -15.00 20.30 -3.66
C ASP B 318 -14.94 18.75 -3.47
N LEU B 319 -14.81 18.01 -4.57
CA LEU B 319 -14.94 16.56 -4.52
C LEU B 319 -13.92 15.81 -3.64
N PRO B 320 -12.66 16.29 -3.51
CA PRO B 320 -11.76 15.63 -2.57
C PRO B 320 -12.06 15.83 -1.09
N LYS B 321 -12.68 16.93 -0.71
CA LYS B 321 -13.07 17.15 0.69
C LYS B 321 -14.36 16.39 1.04
N VAL B 322 -15.21 16.16 0.04
CA VAL B 322 -16.36 15.29 0.20
C VAL B 322 -15.85 13.84 0.38
N GLU B 323 -15.08 13.38 -0.60
CA GLU B 323 -14.50 12.03 -0.61
C GLU B 323 -13.53 11.78 0.54
N GLU B 324 -12.92 12.82 1.09
CA GLU B 324 -12.13 12.70 2.34
C GLU B 324 -12.97 12.42 3.60
N SER B 325 -14.17 13.01 3.68
CA SER B 325 -14.97 12.89 4.91
C SER B 325 -15.71 11.58 5.07
N VAL B 326 -15.78 10.77 4.00
CA VAL B 326 -16.62 9.56 4.03
C VAL B 326 -16.21 8.64 5.14
N SER B 327 -17.20 8.27 5.92
CA SER B 327 -16.99 7.49 7.08
C SER B 327 -18.38 7.06 7.53
N GLN B 328 -18.37 6.14 8.47
CA GLN B 328 -19.57 5.74 9.12
C GLN B 328 -20.21 6.97 9.79
N GLU B 329 -19.42 7.80 10.51
CA GLU B 329 -20.01 8.97 11.24
C GLU B 329 -20.64 9.95 10.26
N GLN B 330 -19.92 10.20 9.16
CA GLN B 330 -20.42 11.03 8.04
C GLN B 330 -21.71 10.48 7.43
N LEU B 331 -21.75 9.17 7.20
CA LEU B 331 -22.98 8.52 6.73
C LEU B 331 -24.15 8.78 7.69
N GLU B 332 -23.93 8.59 8.98
CA GLU B 332 -25.01 8.84 9.94
C GLU B 332 -25.41 10.29 9.92
N GLU B 333 -24.42 11.16 9.78
CA GLU B 333 -24.62 12.60 9.61
C GLU B 333 -25.58 12.86 8.49
N TRP B 334 -25.18 12.48 7.28
CA TRP B 334 -26.02 12.69 6.09
C TRP B 334 -27.44 12.16 6.22
N LEU B 335 -27.62 11.08 6.97
CA LEU B 335 -28.92 10.45 7.15
C LEU B 335 -29.81 11.12 8.16
N SER B 336 -29.19 11.65 9.21
CA SER B 336 -29.88 12.51 10.13
C SER B 336 -30.28 13.86 9.49
N LEU B 337 -29.39 14.47 8.68
CA LEU B 337 -29.70 15.76 7.99
C LEU B 337 -30.87 15.61 7.00
N LEU B 338 -31.06 14.40 6.46
CA LEU B 338 -32.22 14.07 5.61
C LEU B 338 -33.48 13.93 6.43
N GLY B 339 -34.45 14.79 6.14
CA GLY B 339 -35.80 14.66 6.70
C GLY B 339 -36.64 13.72 5.84
N PRO B 340 -37.96 13.68 6.09
CA PRO B 340 -38.87 13.17 5.05
C PRO B 340 -38.83 14.09 3.83
N SER B 341 -38.86 15.40 4.08
CA SER B 341 -38.73 16.46 3.05
C SER B 341 -39.67 16.23 1.85
N ASN B 342 -40.87 15.70 2.15
CA ASN B 342 -41.78 15.22 1.12
C ASN B 342 -42.79 16.29 0.70
N HIS B 343 -42.22 17.36 0.14
CA HIS B 343 -42.76 18.12 -0.97
C HIS B 343 -42.03 17.60 -2.21
N TYR B 344 -42.69 17.66 -3.36
CA TYR B 344 -42.12 17.17 -4.61
C TYR B 344 -40.80 17.88 -4.96
N VAL B 345 -39.91 17.12 -5.58
CA VAL B 345 -38.60 17.59 -5.99
C VAL B 345 -38.41 17.37 -7.48
N GLN B 346 -37.63 18.26 -8.09
CA GLN B 346 -37.26 18.18 -9.50
C GLN B 346 -35.91 17.50 -9.64
N LEU B 347 -35.92 16.25 -10.05
CA LEU B 347 -34.67 15.49 -10.12
C LEU B 347 -34.22 15.30 -11.53
N SER B 348 -32.91 15.40 -11.73
CA SER B 348 -32.23 15.09 -12.99
C SER B 348 -31.09 14.13 -12.66
N LEU B 349 -31.11 12.94 -13.27
CA LEU B 349 -30.11 11.88 -13.01
C LEU B 349 -29.67 11.11 -14.27
N PRO B 350 -28.34 11.06 -14.56
CA PRO B 350 -27.83 10.24 -15.68
C PRO B 350 -28.24 8.77 -15.68
N LYS B 351 -28.39 8.22 -16.89
CA LYS B 351 -28.65 6.80 -17.17
C LYS B 351 -27.35 6.29 -17.78
N PHE B 352 -26.78 5.24 -17.20
CA PHE B 352 -25.45 4.82 -17.59
C PHE B 352 -25.19 3.41 -17.12
N LYS B 353 -24.22 2.76 -17.76
CA LYS B 353 -23.65 1.52 -17.28
C LYS B 353 -22.13 1.70 -17.23
N ILE B 354 -21.55 1.63 -16.03
CA ILE B 354 -20.07 1.71 -15.86
C ILE B 354 -19.54 0.47 -15.20
N SER B 355 -18.33 0.03 -15.56
CA SER B 355 -17.67 -1.07 -14.83
C SER B 355 -16.25 -0.75 -14.52
N VAL B 356 -15.75 -1.28 -13.41
CA VAL B 356 -14.46 -0.91 -12.86
C VAL B 356 -13.73 -2.17 -12.42
N SER B 357 -12.42 -2.24 -12.57
CA SER B 357 -11.61 -3.39 -12.08
C SER B 357 -10.49 -2.93 -11.17
N TYR B 358 -10.13 -3.76 -10.19
CA TYR B 358 -9.06 -3.43 -9.28
C TYR B 358 -8.18 -4.66 -9.03
N ASP B 359 -6.93 -4.39 -8.71
CA ASP B 359 -6.04 -5.31 -8.08
C ASP B 359 -5.85 -4.62 -6.72
N LEU B 360 -6.19 -5.30 -5.63
CA LEU B 360 -6.33 -4.61 -4.34
C LEU B 360 -5.11 -4.76 -3.45
N LYS B 361 -4.07 -5.42 -3.97
CA LYS B 361 -2.93 -5.83 -3.14
C LYS B 361 -2.30 -4.62 -2.42
N ALA B 362 -2.05 -3.57 -3.18
CA ALA B 362 -1.48 -2.36 -2.61
C ALA B 362 -2.43 -1.56 -1.72
N TYR B 363 -3.72 -1.54 -2.03
CA TYR B 363 -4.64 -0.77 -1.15
C TYR B 363 -4.76 -1.46 0.23
N LEU B 364 -4.93 -2.78 0.20
CA LEU B 364 -5.12 -3.53 1.41
C LEU B 364 -3.80 -3.54 2.19
N SER B 365 -2.68 -3.61 1.47
CA SER B 365 -1.39 -3.43 2.09
C SER B 365 -1.28 -2.10 2.87
N ALA B 366 -1.65 -0.98 2.27
CA ALA B 366 -1.71 0.29 3.04
C ALA B 366 -2.65 0.25 4.27
N MET B 367 -3.80 -0.42 4.13
CA MET B 367 -4.77 -0.49 5.23
C MET B 367 -4.30 -1.43 6.35
N GLY B 368 -3.17 -2.12 6.16
CA GLY B 368 -2.49 -2.84 7.23
C GLY B 368 -2.40 -4.34 7.10
N MET B 369 -2.84 -4.89 5.95
CA MET B 369 -3.00 -6.34 5.74
C MET B 369 -1.92 -6.88 4.82
N SER B 370 -0.75 -6.25 4.89
CA SER B 370 0.35 -6.54 4.02
C SER B 370 0.90 -7.95 4.29
N SER B 371 0.67 -8.46 5.50
CA SER B 371 1.26 -9.74 5.93
C SER B 371 0.85 -10.91 5.08
N MET B 372 -0.45 -11.12 4.90
CA MET B 372 -0.96 -12.26 4.15
C MET B 372 -0.43 -12.49 2.72
N PHE B 373 0.21 -11.46 2.13
CA PHE B 373 0.87 -11.53 0.81
C PHE B 373 2.36 -11.86 0.86
N SER B 374 3.03 -11.76 2.03
CA SER B 374 4.37 -12.34 2.26
C SER B 374 4.49 -13.85 2.04
N TYR B 375 5.72 -14.29 1.78
CA TYR B 375 6.07 -15.68 1.86
C TYR B 375 6.14 -16.12 3.38
N GLY B 376 6.36 -15.18 4.29
CA GLY B 376 6.12 -15.39 5.72
C GLY B 376 4.71 -15.05 6.20
N ALA B 377 3.70 -15.22 5.35
CA ALA B 377 2.30 -15.27 5.79
C ALA B 377 1.98 -16.60 6.49
N ASP B 378 1.17 -16.53 7.52
CA ASP B 378 0.66 -17.70 8.26
C ASP B 378 -0.84 -18.00 7.96
N LEU B 379 -1.07 -18.97 7.08
CA LEU B 379 -2.42 -19.48 6.80
C LEU B 379 -2.53 -20.94 7.23
N SER B 380 -2.10 -21.18 8.47
CA SER B 380 -1.88 -22.51 8.96
C SER B 380 -3.14 -23.18 9.51
N ARG B 381 -4.24 -22.40 9.67
CA ARG B 381 -5.54 -22.95 10.03
C ARG B 381 -6.20 -23.58 8.82
N ILE B 382 -5.74 -23.26 7.61
CA ILE B 382 -6.25 -23.89 6.36
C ILE B 382 -5.73 -25.31 6.21
N THR B 383 -4.40 -25.44 6.24
CA THR B 383 -3.73 -26.73 6.11
C THR B 383 -2.35 -26.68 6.69
N GLY B 384 -1.87 -27.77 7.22
CA GLY B 384 -0.46 -27.88 7.57
C GLY B 384 0.38 -28.52 6.47
N MET B 385 -0.26 -29.10 5.43
CA MET B 385 0.46 -29.82 4.34
C MET B 385 1.35 -28.90 3.53
N GLN B 386 1.03 -27.60 3.51
CA GLN B 386 1.74 -26.58 2.78
C GLN B 386 1.70 -25.24 3.51
N LYS B 387 2.69 -24.40 3.20
CA LYS B 387 2.75 -23.01 3.67
C LYS B 387 2.15 -22.11 2.59
N LEU B 388 0.99 -21.54 2.90
CA LEU B 388 0.21 -20.78 1.94
C LEU B 388 0.26 -19.29 2.21
N HIS B 389 0.18 -18.52 1.12
CA HIS B 389 0.07 -17.05 1.17
C HIS B 389 -0.92 -16.59 0.09
N VAL B 390 -1.43 -15.37 0.23
CA VAL B 390 -2.28 -14.76 -0.79
C VAL B 390 -1.45 -14.24 -1.93
N ASP B 391 -1.64 -14.82 -3.11
CA ASP B 391 -0.91 -14.40 -4.30
C ASP B 391 -1.51 -13.16 -4.85
N LYS B 392 -2.83 -13.14 -4.94
CA LYS B 392 -3.58 -12.20 -5.78
C LYS B 392 -5.02 -12.01 -5.31
N ILE B 393 -5.47 -10.76 -5.30
CA ILE B 393 -6.85 -10.39 -5.02
C ILE B 393 -7.36 -9.41 -6.05
N THR B 394 -8.32 -9.82 -6.86
CA THR B 394 -8.98 -8.89 -7.77
C THR B 394 -10.36 -8.52 -7.20
N HIS B 395 -10.91 -7.41 -7.69
CA HIS B 395 -12.27 -7.00 -7.41
C HIS B 395 -12.78 -6.36 -8.67
N LYS B 396 -13.97 -6.74 -9.08
CA LYS B 396 -14.57 -6.26 -10.32
C LYS B 396 -16.05 -5.92 -10.00
N SER B 397 -16.54 -4.79 -10.49
CA SER B 397 -17.93 -4.39 -10.22
C SER B 397 -18.59 -3.61 -11.35
N VAL B 398 -19.91 -3.64 -11.41
CA VAL B 398 -20.67 -2.95 -12.44
C VAL B 398 -21.88 -2.23 -11.84
N LEU B 399 -22.15 -1.02 -12.31
CA LEU B 399 -23.31 -0.22 -11.87
C LEU B 399 -24.12 0.18 -13.11
N HIS B 400 -25.41 -0.13 -13.11
CA HIS B 400 -26.28 0.18 -14.20
C HIS B 400 -27.44 0.90 -13.56
N VAL B 401 -27.60 2.17 -13.89
CA VAL B 401 -28.76 2.95 -13.51
C VAL B 401 -29.65 3.22 -14.76
N ASN B 402 -30.95 3.00 -14.60
CA ASN B 402 -31.88 3.26 -15.68
C ASN B 402 -33.25 3.65 -15.11
N GLU B 403 -34.25 3.82 -15.98
CA GLU B 403 -35.58 4.26 -15.58
C GLU B 403 -36.27 3.31 -14.57
N GLU B 404 -36.03 2.00 -14.65
CA GLU B 404 -36.65 1.02 -13.72
C GLU B 404 -35.95 1.03 -12.36
N GLY B 405 -34.66 1.32 -12.36
CA GLY B 405 -33.90 1.06 -11.14
C GLY B 405 -32.41 0.95 -11.33
N THR B 406 -31.81 0.16 -10.48
CA THR B 406 -30.38 -0.02 -10.48
C THR B 406 -30.06 -1.50 -10.48
N GLU B 407 -29.08 -1.89 -11.27
CA GLU B 407 -28.55 -3.26 -11.25
C GLU B 407 -27.08 -3.07 -10.88
N ALA B 408 -26.58 -3.87 -9.95
CA ALA B 408 -25.17 -3.80 -9.52
C ALA B 408 -24.63 -5.17 -9.20
N LYS B 409 -23.46 -5.49 -9.76
CA LYS B 409 -22.76 -6.79 -9.60
C LYS B 409 -21.41 -6.47 -9.02
N ALA B 410 -20.91 -7.32 -8.13
CA ALA B 410 -19.49 -7.30 -7.71
C ALA B 410 -19.00 -8.71 -7.56
N GLU B 411 -17.68 -8.85 -7.66
CA GLU B 411 -17.05 -10.15 -7.72
C GLU B 411 -15.63 -9.96 -7.14
N THR B 412 -15.34 -10.64 -6.03
CA THR B 412 -14.01 -10.65 -5.45
C THR B 412 -13.40 -12.03 -5.57
N VAL B 413 -12.15 -12.09 -6.05
CA VAL B 413 -11.41 -13.35 -6.28
C VAL B 413 -10.07 -13.32 -5.56
N VAL B 414 -9.77 -14.37 -4.80
CA VAL B 414 -8.54 -14.43 -4.02
C VAL B 414 -7.80 -15.68 -4.48
N GLY B 415 -6.52 -15.59 -4.80
CA GLY B 415 -5.76 -16.75 -5.24
C GLY B 415 -4.71 -17.04 -4.19
N ILE B 416 -4.64 -18.28 -3.76
CA ILE B 416 -3.74 -18.67 -2.67
C ILE B 416 -2.73 -19.64 -3.24
N MET B 417 -1.44 -19.41 -3.02
CA MET B 417 -0.34 -20.26 -3.52
C MET B 417 0.63 -20.69 -2.40
N ALA B 418 1.56 -21.59 -2.72
CA ALA B 418 2.79 -21.80 -1.92
C ALA B 418 4.07 -21.33 -2.60
N PRO C 4 36.39 -24.34 7.46
CA PRO C 4 35.69 -23.15 7.89
C PRO C 4 35.35 -22.25 6.70
N THR C 5 34.08 -22.29 6.30
CA THR C 5 33.66 -21.91 4.94
C THR C 5 32.34 -21.12 4.90
N VAL C 6 32.36 -20.00 4.18
CA VAL C 6 31.18 -19.17 3.95
C VAL C 6 31.01 -18.99 2.45
N THR C 7 29.93 -19.55 1.90
CA THR C 7 29.65 -19.38 0.47
C THR C 7 28.31 -18.70 0.30
N VAL C 8 28.36 -17.50 -0.24
CA VAL C 8 27.19 -16.72 -0.49
C VAL C 8 26.84 -17.11 -1.91
N ASP C 9 26.13 -18.24 -2.04
CA ASP C 9 25.72 -18.79 -3.35
C ASP C 9 24.20 -18.79 -3.50
N ARG C 10 23.50 -18.25 -2.49
CA ARG C 10 22.02 -18.26 -2.38
C ARG C 10 21.56 -16.83 -2.00
N PRO C 11 20.24 -16.56 -2.02
CA PRO C 11 19.80 -15.27 -1.57
C PRO C 11 20.23 -14.99 -0.16
N PHE C 12 20.60 -13.74 0.10
CA PHE C 12 21.10 -13.32 1.39
C PHE C 12 20.62 -11.92 1.80
N VAL C 13 20.49 -11.73 3.10
CA VAL C 13 20.22 -10.43 3.69
C VAL C 13 21.55 -9.67 3.91
N VAL C 14 21.48 -8.36 3.69
CA VAL C 14 22.67 -7.52 3.67
C VAL C 14 22.37 -6.28 4.51
N LEU C 15 23.31 -5.87 5.35
CA LEU C 15 23.19 -4.68 6.20
C LEU C 15 24.53 -3.98 6.28
N ILE C 16 24.55 -2.69 5.95
CA ILE C 16 25.74 -1.90 6.01
C ILE C 16 25.52 -1.00 7.20
N TYR C 17 26.42 -1.05 8.19
CA TYR C 17 26.15 -0.35 9.46
C TYR C 17 27.39 0.21 10.12
N ASP C 18 27.22 1.25 10.93
CA ASP C 18 28.33 1.84 11.67
C ASP C 18 28.47 1.06 12.93
N GLU C 19 29.70 0.69 13.27
CA GLU C 19 29.96 -0.09 14.47
C GLU C 19 29.71 0.67 15.75
N LYS C 20 30.28 1.87 15.95
CA LYS C 20 30.11 2.60 17.22
C LYS C 20 28.65 2.85 17.49
N THR C 21 27.91 3.43 16.55
CA THR C 21 26.47 3.72 16.78
C THR C 21 25.47 2.58 16.47
N ARG C 22 25.94 1.48 15.89
CA ARG C 22 25.08 0.43 15.35
C ARG C 22 23.99 0.96 14.42
N ALA C 23 24.31 2.05 13.73
CA ALA C 23 23.36 2.70 12.83
C ALA C 23 23.38 1.96 11.52
N VAL C 24 22.20 1.50 11.11
CA VAL C 24 22.07 0.85 9.83
C VAL C 24 21.80 1.90 8.78
N ILE C 25 22.64 1.86 7.77
CA ILE C 25 22.68 2.85 6.74
C ILE C 25 21.98 2.36 5.48
N PHE C 26 22.19 1.09 5.12
CA PHE C 26 21.44 0.44 4.08
C PHE C 26 21.04 -0.91 4.57
N MET C 27 19.87 -1.36 4.13
CA MET C 27 19.32 -2.66 4.44
C MET C 27 18.87 -3.25 3.16
N GLY C 28 18.96 -4.56 3.10
CA GLY C 28 18.32 -5.27 2.00
C GLY C 28 18.57 -6.75 1.93
N ARG C 29 18.14 -7.27 0.77
CA ARG C 29 18.26 -8.64 0.39
C ARG C 29 18.68 -8.68 -1.06
N VAL C 30 19.76 -9.43 -1.30
CA VAL C 30 20.22 -9.68 -2.66
C VAL C 30 19.80 -11.09 -3.05
N ALA C 31 18.91 -11.16 -4.06
CA ALA C 31 18.46 -12.43 -4.66
C ALA C 31 18.83 -12.61 -6.14
N ASP C 32 19.24 -11.56 -6.85
CA ASP C 32 19.49 -11.66 -8.28
C ASP C 32 20.48 -10.58 -8.68
N PRO C 33 21.77 -10.86 -8.53
CA PRO C 33 22.85 -10.01 -9.06
C PRO C 33 22.72 -9.69 -10.56
N LYS C 34 23.45 -8.68 -11.02
CA LYS C 34 23.54 -8.37 -12.47
C LYS C 34 24.89 -7.71 -12.83
N PRO D 3 -37.62 26.89 -6.69
CA PRO D 3 -37.61 25.59 -7.37
C PRO D 3 -36.80 24.43 -6.62
N PRO D 4 -37.50 23.47 -5.95
CA PRO D 4 -36.75 22.42 -5.21
C PRO D 4 -36.15 21.41 -6.19
N THR D 5 -34.83 21.47 -6.38
CA THR D 5 -34.17 20.93 -7.57
C THR D 5 -32.83 20.24 -7.28
N VAL D 6 -32.68 19.03 -7.83
CA VAL D 6 -31.44 18.27 -7.71
C VAL D 6 -31.02 17.87 -9.09
N THR D 7 -29.88 18.40 -9.55
CA THR D 7 -29.38 18.03 -10.87
C THR D 7 -28.01 17.37 -10.73
N VAL D 8 -27.96 16.11 -11.10
CA VAL D 8 -26.75 15.38 -11.01
C VAL D 8 -26.15 15.55 -12.42
N ASP D 9 -25.46 16.68 -12.61
CA ASP D 9 -24.83 17.05 -13.89
C ASP D 9 -23.32 17.11 -13.80
N ARG D 10 -22.80 16.74 -12.62
CA ARG D 10 -21.37 16.80 -12.29
C ARG D 10 -20.96 15.47 -11.66
N PRO D 11 -19.66 15.22 -11.45
CA PRO D 11 -19.26 14.07 -10.65
C PRO D 11 -19.91 14.02 -9.29
N PHE D 12 -20.31 12.81 -8.88
CA PHE D 12 -21.03 12.59 -7.64
C PHE D 12 -20.64 11.31 -6.91
N VAL D 13 -20.76 11.34 -5.59
CA VAL D 13 -20.58 10.16 -4.76
C VAL D 13 -21.90 9.41 -4.66
N VAL D 14 -21.80 8.09 -4.65
CA VAL D 14 -22.97 7.24 -4.73
C VAL D 14 -22.80 6.16 -3.67
N LEU D 15 -23.88 5.84 -2.95
CA LEU D 15 -23.89 4.76 -1.94
C LEU D 15 -25.21 4.00 -2.01
N ILE D 16 -25.16 2.69 -2.16
CA ILE D 16 -26.36 1.85 -2.19
C ILE D 16 -26.36 1.13 -0.86
N TYR D 17 -27.41 1.28 -0.07
CA TYR D 17 -27.35 0.80 1.31
C TYR D 17 -28.68 0.27 1.85
N ASP D 18 -28.62 -0.61 2.86
CA ASP D 18 -29.83 -1.13 3.49
C ASP D 18 -30.19 -0.17 4.56
N GLU D 19 -31.46 0.18 4.63
CA GLU D 19 -31.93 1.13 5.62
C GLU D 19 -31.91 0.63 7.05
N LYS D 20 -32.47 -0.55 7.35
CA LYS D 20 -32.50 -1.05 8.74
C LYS D 20 -31.10 -1.20 9.28
N THR D 21 -30.22 -1.88 8.56
CA THR D 21 -28.85 -2.09 9.08
C THR D 21 -27.84 -0.99 8.74
N ARG D 22 -28.21 -0.02 7.90
CA ARG D 22 -27.30 0.96 7.33
C ARG D 22 -26.08 0.32 6.70
N ALA D 23 -26.25 -0.87 6.14
CA ALA D 23 -25.15 -1.61 5.53
C ALA D 23 -24.97 -1.09 4.13
N VAL D 24 -23.75 -0.67 3.84
CA VAL D 24 -23.42 -0.21 2.53
C VAL D 24 -22.95 -1.37 1.71
N ILE D 25 -23.61 -1.51 0.57
CA ILE D 25 -23.48 -2.65 -0.29
C ILE D 25 -22.60 -2.34 -1.47
N PHE D 26 -22.75 -1.15 -2.03
CA PHE D 26 -21.81 -0.62 -2.99
C PHE D 26 -21.49 0.81 -2.59
N MET D 27 -20.26 1.23 -2.87
CA MET D 27 -19.81 2.61 -2.72
C MET D 27 -19.16 3.02 -4.02
N GLY D 28 -19.23 4.31 -4.26
CA GLY D 28 -18.37 4.88 -5.30
C GLY D 28 -18.56 6.34 -5.62
N ARG D 29 -17.93 6.69 -6.73
CA ARG D 29 -18.01 7.99 -7.34
C ARG D 29 -18.21 7.74 -8.82
N VAL D 30 -19.23 8.38 -9.36
CA VAL D 30 -19.42 8.40 -10.79
C VAL D 30 -18.93 9.73 -11.33
N ALA D 31 -17.90 9.67 -12.17
CA ALA D 31 -17.37 10.81 -12.92
C ALA D 31 -17.51 10.75 -14.44
N ASP D 32 -17.76 9.59 -15.02
CA ASP D 32 -17.77 9.44 -16.48
C ASP D 32 -18.73 8.33 -16.91
N PRO D 33 -20.03 8.66 -17.03
CA PRO D 33 -21.04 7.72 -17.55
C PRO D 33 -20.65 7.11 -18.90
N LYS D 34 -21.20 5.93 -19.20
CA LYS D 34 -21.14 5.38 -20.57
C LYS D 34 -22.44 4.65 -20.91
S SO4 E . -17.99 -32.77 7.61
O1 SO4 E . -17.27 -31.74 8.39
O2 SO4 E . -16.97 -33.67 7.05
O3 SO4 E . -18.94 -33.44 8.53
O4 SO4 E . -18.81 -32.26 6.49
#